data_6OFS
#
_entry.id   6OFS
#
_cell.length_a   98.674
_cell.length_b   98.674
_cell.length_c   230.814
_cell.angle_alpha   90.00
_cell.angle_beta   90.00
_cell.angle_gamma   90.00
#
_symmetry.space_group_name_H-M   'P 43 21 2'
#
loop_
_entity.id
_entity.type
_entity.pdbx_description
1 polymer 'Probable zinc protease PqqL'
2 non-polymer 'ZINC ION'
3 non-polymer 'CHLORIDE ION'
4 water water
#
_entity_poly.entity_id   1
_entity_poly.type   'polypeptide(L)'
_entity_poly.pdbx_seq_one_letter_code
;AALPQDEKLITGQLDNGLRYMIYPHAHPKDQVNLWLQIHTGSLQEEDNELGVAHFVEHMMFNGTKTWPGNKVIETFESMG
LRFGRDVNAYTSYDETVYQVSLPTTQKQNLQQVMAIFSEWSNAATFEKLEVDAERGVITEEWRAHQDAKWRTSQARRPFL
LANTRNLDREPIGLMDTVATVTPAQLRQFYQRWYQPNNMTFIVVGDIDSKEALALIKDNLSKLPANKAAENRVWPTKAEN
HLRFNIINDKENRVNGIALYYRLPMVQVNDEQSFIEQAEWSMLVQLFNQRLQERIQSGELKTISGGTARSVKIAPDYQSL
FFRVNARDDNMQDAANALMAELATIDQHGFSAEELDDVKSTRLTWLKNAVDQQAERDLRMLTSRLASSSLNNTPFLSPEE
TYQLSKRLWQQITVQSLAEKWQQLRKNQDAFWEQMVNNEVAAKKALSPAAILALEKEYANKKLAAYVFPGRNLSLTVDAD
PQAEISSKETLAENLTSLTLSNGARVILAKSAGEEQKLQIIAVSNKGDLSFPAQQKSLIALANKAVSGSGVGELSSSSLK
RWSAENSVTMSSKVSGMNTLLSVSARTNNPEPGFQLINQRITHSTINDNIWASLQNAQIQALKTLDQRPAEKFAQQMYET
RYADDRTKLLQENQIAQFTAADALAADRQLFSSPADITFVIVGNVAEDKLVALITRYLGSIKHSDSPLAAGKPLTRATDN
ASVTVKEQNEPVAQVSQWKRYDSRTPVNLPTRMALDAFNVALAKDLRVNIREQASGAYSVSSRLSVDPQAKDISHLLAFT
CQPERHDELLTLANEVMVKRLAKGISEQELNEYQQNVQRSLDIQQRSVQQLANTIVNSLIQYDDPAAWTEQEQLLKQMTV
ENVNTAVKQYLSHPVNTYTGVLLPKLEHHHHHH
;
_entity_poly.pdbx_strand_id   A
#
loop_
_chem_comp.id
_chem_comp.type
_chem_comp.name
_chem_comp.formula
CL non-polymer 'CHLORIDE ION' 'Cl -1'
ZN non-polymer 'ZINC ION' 'Zn 2'
#
# COMPACT_ATOMS: atom_id res chain seq x y z
N ALA A 1 -7.87 2.99 -12.33
CA ALA A 1 -8.45 3.21 -13.65
C ALA A 1 -7.37 3.42 -14.72
N ALA A 2 -6.33 4.22 -14.41
CA ALA A 2 -5.21 4.54 -15.32
C ALA A 2 -3.94 4.88 -14.54
N LEU A 3 -2.78 4.62 -15.15
CA LEU A 3 -1.48 4.86 -14.52
C LEU A 3 -0.80 6.16 -14.98
N PRO A 4 -0.06 6.85 -14.08
CA PRO A 4 0.57 8.13 -14.49
C PRO A 4 1.97 8.01 -15.10
N GLN A 5 2.12 8.63 -16.28
CA GLN A 5 3.39 8.67 -17.00
C GLN A 5 4.36 9.56 -16.22
N ASP A 6 5.65 9.20 -16.20
CA ASP A 6 6.74 9.92 -15.55
C ASP A 6 6.76 11.41 -15.99
N GLU A 7 6.80 12.34 -15.00
CA GLU A 7 6.81 13.79 -15.19
C GLU A 7 8.01 14.25 -16.02
N LYS A 8 9.18 13.60 -15.82
CA LYS A 8 10.44 13.89 -16.52
C LYS A 8 10.33 13.65 -18.02
N LEU A 9 9.46 12.69 -18.42
CA LEU A 9 9.24 12.27 -19.81
C LEU A 9 8.30 13.19 -20.61
N ILE A 10 8.82 13.74 -21.71
CA ILE A 10 8.08 14.60 -22.65
C ILE A 10 7.79 13.77 -23.92
N THR A 11 6.50 13.58 -24.24
CA THR A 11 6.09 12.82 -25.42
C THR A 11 5.19 13.65 -26.28
N GLY A 12 5.39 13.54 -27.59
CA GLY A 12 4.56 14.26 -28.55
C GLY A 12 4.47 13.57 -29.88
N GLN A 13 3.96 14.33 -30.85
CA GLN A 13 3.76 13.91 -32.22
C GLN A 13 3.91 15.14 -33.12
N LEU A 14 4.64 14.99 -34.23
CA LEU A 14 4.81 16.06 -35.20
C LEU A 14 3.66 15.98 -36.20
N ASP A 15 3.32 17.12 -36.84
CA ASP A 15 2.25 17.27 -37.84
C ASP A 15 2.21 16.12 -38.86
N ASN A 16 3.42 15.64 -39.29
CA ASN A 16 3.62 14.55 -40.24
C ASN A 16 3.34 13.13 -39.68
N GLY A 17 3.01 13.03 -38.39
CA GLY A 17 2.68 11.77 -37.72
C GLY A 17 3.74 11.14 -36.83
N LEU A 18 5.01 11.55 -36.96
CA LEU A 18 6.14 11.01 -36.18
C LEU A 18 6.03 11.26 -34.68
N ARG A 19 6.11 10.20 -33.86
CA ARG A 19 6.04 10.28 -32.41
C ARG A 19 7.42 10.45 -31.79
N TYR A 20 7.49 11.17 -30.70
CA TYR A 20 8.76 11.40 -30.02
C TYR A 20 8.64 11.23 -28.53
N MET A 21 9.76 10.81 -27.92
CA MET A 21 9.90 10.60 -26.50
C MET A 21 11.24 11.21 -26.10
N ILE A 22 11.20 12.13 -25.15
CA ILE A 22 12.40 12.79 -24.63
C ILE A 22 12.45 12.53 -23.14
N TYR A 23 13.58 11.99 -22.69
CA TYR A 23 13.81 11.72 -21.28
C TYR A 23 15.20 12.25 -20.92
N PRO A 24 15.32 13.14 -19.93
CA PRO A 24 16.65 13.62 -19.55
C PRO A 24 17.35 12.64 -18.61
N HIS A 25 18.69 12.51 -18.75
CA HIS A 25 19.48 11.61 -17.92
C HIS A 25 20.95 12.00 -17.95
N ALA A 26 21.65 11.88 -16.83
CA ALA A 26 23.05 12.28 -16.82
C ALA A 26 24.02 11.30 -16.13
N HIS A 27 23.69 9.97 -16.05
CA HIS A 27 24.63 8.99 -15.45
C HIS A 27 25.87 8.96 -16.35
N PRO A 28 25.83 8.50 -17.63
CA PRO A 28 26.99 8.75 -18.48
C PRO A 28 26.86 10.23 -18.89
N LYS A 29 27.61 11.11 -18.20
CA LYS A 29 27.58 12.57 -18.40
C LYS A 29 27.94 12.99 -19.83
N ASP A 30 27.17 13.95 -20.39
CA ASP A 30 27.31 14.51 -21.76
C ASP A 30 27.23 13.40 -22.82
N GLN A 31 26.26 12.49 -22.65
CA GLN A 31 25.99 11.37 -23.54
C GLN A 31 24.48 11.29 -23.83
N VAL A 32 24.15 10.89 -25.07
CA VAL A 32 22.75 10.80 -25.52
C VAL A 32 22.51 9.52 -26.34
N ASN A 33 21.29 8.98 -26.21
CA ASN A 33 20.83 7.82 -26.92
C ASN A 33 19.76 8.29 -27.92
N LEU A 34 20.03 8.07 -29.20
CA LEU A 34 19.14 8.44 -30.30
C LEU A 34 18.66 7.16 -30.97
N TRP A 35 17.37 6.82 -30.75
CA TRP A 35 16.76 5.63 -31.32
C TRP A 35 15.60 5.94 -32.25
N LEU A 36 15.60 5.32 -33.44
CA LEU A 36 14.50 5.40 -34.38
C LEU A 36 13.84 4.05 -34.35
N GLN A 37 12.62 4.02 -33.86
CA GLN A 37 11.84 2.81 -33.71
C GLN A 37 10.71 2.80 -34.74
N ILE A 38 10.69 1.73 -35.56
CA ILE A 38 9.71 1.44 -36.60
C ILE A 38 8.82 0.37 -35.97
N HIS A 39 7.51 0.63 -35.83
CA HIS A 39 6.58 -0.29 -35.16
C HIS A 39 6.17 -1.49 -36.04
N THR A 40 7.15 -2.04 -36.79
CA THR A 40 6.98 -3.16 -37.71
C THR A 40 8.21 -4.05 -37.66
N GLY A 41 7.98 -5.34 -37.48
CA GLY A 41 8.98 -6.39 -37.43
C GLY A 41 8.65 -7.48 -38.42
N SER A 42 9.00 -8.73 -38.10
CA SER A 42 8.77 -9.83 -39.02
C SER A 42 7.32 -10.33 -39.08
N LEU A 43 6.51 -10.12 -38.03
CA LEU A 43 5.11 -10.57 -38.03
C LEU A 43 4.33 -10.00 -39.23
N GLN A 44 4.69 -8.78 -39.64
CA GLN A 44 4.05 -8.09 -40.74
C GLN A 44 4.45 -8.57 -42.13
N GLU A 45 5.33 -9.56 -42.22
CA GLU A 45 5.80 -10.07 -43.50
C GLU A 45 4.77 -10.92 -44.22
N GLU A 46 4.70 -10.78 -45.56
CA GLU A 46 3.84 -11.59 -46.41
C GLU A 46 4.55 -12.93 -46.63
N ASP A 47 3.81 -13.98 -47.07
CA ASP A 47 4.33 -15.34 -47.30
C ASP A 47 5.54 -15.39 -48.25
N ASN A 48 5.70 -14.38 -49.12
CA ASN A 48 6.80 -14.22 -50.08
C ASN A 48 7.82 -13.14 -49.64
N GLU A 49 7.76 -12.72 -48.36
CA GLU A 49 8.63 -11.69 -47.80
C GLU A 49 9.37 -12.19 -46.56
N LEU A 50 9.46 -13.51 -46.38
CA LEU A 50 10.05 -14.12 -45.19
C LEU A 50 11.54 -13.83 -45.03
N GLY A 51 11.82 -12.84 -44.17
CA GLY A 51 13.16 -12.36 -43.86
C GLY A 51 13.43 -10.96 -44.35
N VAL A 52 12.45 -10.37 -45.08
CA VAL A 52 12.50 -9.04 -45.71
C VAL A 52 12.68 -7.91 -44.68
N ALA A 53 11.93 -7.92 -43.55
CA ALA A 53 12.06 -6.90 -42.50
C ALA A 53 13.51 -6.76 -42.04
N HIS A 54 14.20 -7.90 -41.84
CA HIS A 54 15.59 -7.97 -41.42
C HIS A 54 16.52 -7.59 -42.55
N PHE A 55 16.20 -7.99 -43.81
CA PHE A 55 17.03 -7.62 -44.96
C PHE A 55 17.02 -6.10 -45.08
N VAL A 56 15.83 -5.47 -44.93
CA VAL A 56 15.65 -4.01 -44.97
C VAL A 56 16.53 -3.33 -43.90
N GLU A 57 16.53 -3.85 -42.66
CA GLU A 57 17.36 -3.36 -41.55
C GLU A 57 18.84 -3.28 -42.01
N HIS A 58 19.38 -4.39 -42.56
CA HIS A 58 20.75 -4.45 -43.10
C HIS A 58 20.99 -3.41 -44.22
N MET A 59 20.03 -3.28 -45.17
CA MET A 59 20.14 -2.38 -46.32
C MET A 59 20.20 -0.89 -45.99
N MET A 60 19.89 -0.51 -44.73
CA MET A 60 19.96 0.88 -44.24
C MET A 60 21.39 1.37 -44.14
N PHE A 61 22.32 0.40 -44.03
CA PHE A 61 23.76 0.63 -43.93
C PHE A 61 24.45 0.41 -45.28
N ASN A 62 23.67 0.08 -46.35
CA ASN A 62 24.23 -0.20 -47.66
C ASN A 62 23.69 0.72 -48.80
N GLY A 63 23.49 2.01 -48.50
CA GLY A 63 23.11 2.99 -49.50
C GLY A 63 21.86 3.84 -49.28
N THR A 64 22.04 5.17 -49.37
CA THR A 64 20.99 6.20 -49.30
C THR A 64 21.24 7.25 -50.39
N LYS A 65 20.41 8.30 -50.47
CA LYS A 65 20.54 9.37 -51.46
C LYS A 65 21.87 10.12 -51.31
N THR A 66 22.13 10.70 -50.12
CA THR A 66 23.35 11.44 -49.81
C THR A 66 24.52 10.48 -49.59
N TRP A 67 24.27 9.31 -48.98
CA TRP A 67 25.36 8.37 -48.68
C TRP A 67 25.22 7.01 -49.40
N PRO A 68 25.61 6.93 -50.69
CA PRO A 68 25.53 5.64 -51.40
C PRO A 68 26.57 4.66 -50.88
N GLY A 69 26.35 3.36 -51.13
CA GLY A 69 27.27 2.31 -50.69
C GLY A 69 27.55 2.29 -49.19
N ASN A 70 28.84 2.27 -48.84
CA ASN A 70 29.31 2.24 -47.46
C ASN A 70 29.66 3.62 -46.88
N LYS A 71 29.22 4.72 -47.54
CA LYS A 71 29.49 6.09 -47.12
C LYS A 71 28.89 6.47 -45.77
N VAL A 72 27.73 5.89 -45.39
CA VAL A 72 27.10 6.18 -44.11
C VAL A 72 28.01 5.71 -42.95
N ILE A 73 28.59 4.50 -43.09
CA ILE A 73 29.52 3.87 -42.16
C ILE A 73 30.78 4.74 -42.01
N GLU A 74 31.35 5.18 -43.14
CA GLU A 74 32.51 6.07 -43.21
C GLU A 74 32.23 7.42 -42.49
N THR A 75 31.00 7.95 -42.64
CA THR A 75 30.55 9.20 -42.02
C THR A 75 30.49 9.07 -40.49
N PHE A 76 29.90 7.97 -39.97
CA PHE A 76 29.83 7.73 -38.53
C PHE A 76 31.24 7.60 -37.96
N GLU A 77 32.15 6.90 -38.68
CA GLU A 77 33.56 6.71 -38.31
C GLU A 77 34.33 8.05 -38.21
N SER A 78 33.96 9.05 -39.04
CA SER A 78 34.56 10.38 -39.03
C SER A 78 34.18 11.14 -37.73
N MET A 79 33.07 10.71 -37.09
CA MET A 79 32.58 11.31 -35.85
C MET A 79 32.99 10.44 -34.64
N GLY A 80 33.76 9.38 -34.91
CA GLY A 80 34.23 8.41 -33.91
C GLY A 80 33.19 7.38 -33.51
N LEU A 81 32.17 7.16 -34.37
CA LEU A 81 31.06 6.23 -34.14
C LEU A 81 31.26 4.97 -34.96
N ARG A 82 31.31 3.83 -34.29
CA ARG A 82 31.59 2.54 -34.90
C ARG A 82 30.41 1.59 -34.80
N PHE A 83 30.11 0.87 -35.88
CA PHE A 83 29.03 -0.10 -35.86
C PHE A 83 29.40 -1.22 -34.90
N GLY A 84 28.49 -1.52 -34.00
CA GLY A 84 28.68 -2.56 -32.99
C GLY A 84 28.90 -1.99 -31.61
N ARG A 85 29.62 -0.84 -31.51
CA ARG A 85 29.84 -0.25 -30.19
C ARG A 85 29.04 1.06 -29.98
N ASP A 86 28.91 1.90 -31.01
CA ASP A 86 28.18 3.17 -30.89
C ASP A 86 26.91 3.22 -31.75
N VAL A 87 26.91 2.46 -32.86
CA VAL A 87 25.80 2.40 -33.82
C VAL A 87 25.34 0.96 -33.96
N ASN A 88 24.06 0.71 -33.69
CA ASN A 88 23.44 -0.63 -33.75
C ASN A 88 22.07 -0.58 -34.38
N ALA A 89 21.57 -1.76 -34.77
CA ALA A 89 20.25 -1.97 -35.38
C ALA A 89 19.79 -3.41 -35.19
N TYR A 90 18.48 -3.60 -34.93
CA TYR A 90 17.89 -4.92 -34.74
C TYR A 90 16.47 -4.98 -35.24
N THR A 91 16.05 -6.22 -35.59
CA THR A 91 14.72 -6.54 -36.07
C THR A 91 14.22 -7.68 -35.24
N SER A 92 13.03 -7.51 -34.68
CA SER A 92 12.41 -8.57 -33.91
C SER A 92 11.10 -8.83 -34.64
N TYR A 93 10.19 -9.58 -34.03
CA TYR A 93 8.85 -9.86 -34.56
C TYR A 93 8.01 -8.61 -34.59
N ASP A 94 8.18 -7.76 -33.57
CA ASP A 94 7.37 -6.58 -33.25
C ASP A 94 7.85 -5.22 -33.77
N GLU A 95 9.14 -5.08 -34.09
CA GLU A 95 9.71 -3.79 -34.45
C GLU A 95 11.07 -3.88 -35.13
N THR A 96 11.54 -2.71 -35.62
CA THR A 96 12.84 -2.48 -36.21
C THR A 96 13.41 -1.21 -35.54
N VAL A 97 14.62 -1.32 -34.94
CA VAL A 97 15.20 -0.21 -34.20
C VAL A 97 16.60 0.16 -34.70
N TYR A 98 16.85 1.45 -34.89
CA TYR A 98 18.11 2.05 -35.31
C TYR A 98 18.62 2.88 -34.14
N GLN A 99 19.77 2.48 -33.60
CA GLN A 99 20.33 3.05 -32.38
C GLN A 99 21.68 3.71 -32.55
N VAL A 100 21.81 4.90 -31.96
CA VAL A 100 23.06 5.66 -31.95
C VAL A 100 23.30 6.23 -30.56
N SER A 101 24.49 5.97 -29.99
CA SER A 101 24.92 6.54 -28.71
C SER A 101 26.12 7.46 -28.99
N LEU A 102 26.04 8.73 -28.60
CA LEU A 102 27.13 9.68 -28.88
C LEU A 102 27.22 10.85 -27.88
N PRO A 103 28.37 11.58 -27.84
CA PRO A 103 28.46 12.72 -26.91
C PRO A 103 27.54 13.89 -27.29
N THR A 104 27.15 14.69 -26.29
CA THR A 104 26.28 15.85 -26.46
C THR A 104 27.14 17.12 -26.79
N THR A 105 28.45 17.05 -26.49
CA THR A 105 29.44 18.13 -26.62
C THR A 105 29.61 18.68 -28.05
N GLN A 106 29.80 17.82 -29.06
CA GLN A 106 30.00 18.29 -30.44
C GLN A 106 28.65 18.39 -31.15
N LYS A 107 28.13 19.63 -31.25
CA LYS A 107 26.81 20.00 -31.78
C LYS A 107 26.56 19.68 -33.26
N GLN A 108 27.60 19.76 -34.11
CA GLN A 108 27.45 19.48 -35.54
C GLN A 108 27.42 17.99 -35.84
N ASN A 109 27.97 17.18 -34.93
CA ASN A 109 27.96 15.74 -35.03
C ASN A 109 26.53 15.27 -34.75
N LEU A 110 25.85 15.86 -33.73
CA LEU A 110 24.44 15.61 -33.40
C LEU A 110 23.54 15.89 -34.61
N GLN A 111 23.86 16.94 -35.40
CA GLN A 111 23.15 17.36 -36.59
C GLN A 111 23.28 16.35 -37.72
N GLN A 112 24.52 15.93 -38.01
CA GLN A 112 24.84 14.96 -39.05
C GLN A 112 24.14 13.61 -38.78
N VAL A 113 24.10 13.18 -37.50
CA VAL A 113 23.47 11.95 -37.07
C VAL A 113 21.97 12.03 -37.29
N MET A 114 21.36 13.19 -36.98
CA MET A 114 19.93 13.45 -37.21
C MET A 114 19.60 13.44 -38.70
N ALA A 115 20.54 13.90 -39.54
CA ALA A 115 20.42 13.94 -40.99
C ALA A 115 20.48 12.51 -41.55
N ILE A 116 21.26 11.61 -40.89
CA ILE A 116 21.39 10.20 -41.28
C ILE A 116 20.07 9.50 -40.96
N PHE A 117 19.51 9.77 -39.76
CA PHE A 117 18.24 9.23 -39.30
C PHE A 117 17.11 9.62 -40.28
N SER A 118 17.14 10.86 -40.79
CA SER A 118 16.18 11.38 -41.75
C SER A 118 16.22 10.56 -43.04
N GLU A 119 17.44 10.26 -43.54
CA GLU A 119 17.63 9.49 -44.76
C GLU A 119 17.27 8.02 -44.60
N TRP A 120 17.44 7.43 -43.39
CA TRP A 120 17.04 6.03 -43.17
C TRP A 120 15.51 5.90 -43.27
N SER A 121 14.79 6.97 -42.91
CA SER A 121 13.34 7.05 -42.91
C SER A 121 12.70 6.95 -44.30
N ASN A 122 13.35 7.50 -45.36
CA ASN A 122 12.73 7.48 -46.69
C ASN A 122 13.69 7.53 -47.91
N ALA A 123 15.02 7.70 -47.68
CA ALA A 123 16.01 7.85 -48.76
C ALA A 123 16.85 6.57 -49.11
N ALA A 124 16.50 5.39 -48.56
CA ALA A 124 17.21 4.14 -48.89
C ALA A 124 17.04 3.80 -50.36
N THR A 125 18.16 3.50 -51.00
CA THR A 125 18.25 3.27 -52.43
C THR A 125 18.12 1.80 -52.88
N PHE A 126 18.56 0.81 -52.07
CA PHE A 126 18.48 -0.62 -52.41
C PHE A 126 19.10 -0.93 -53.79
N GLU A 127 20.37 -0.54 -53.98
CA GLU A 127 21.09 -0.75 -55.24
C GLU A 127 21.31 -2.25 -55.47
N LYS A 128 21.01 -2.75 -56.70
CA LYS A 128 21.12 -4.18 -57.04
C LYS A 128 22.43 -4.84 -56.62
N LEU A 129 23.57 -4.17 -56.86
CA LEU A 129 24.88 -4.69 -56.48
C LEU A 129 25.01 -4.79 -54.98
N GLU A 130 24.54 -3.75 -54.25
CA GLU A 130 24.56 -3.69 -52.79
C GLU A 130 23.62 -4.73 -52.14
N VAL A 131 22.48 -5.04 -52.81
CA VAL A 131 21.52 -6.06 -52.37
C VAL A 131 22.21 -7.45 -52.44
N ASP A 132 22.80 -7.79 -53.61
CA ASP A 132 23.47 -9.07 -53.85
C ASP A 132 24.60 -9.36 -52.85
N ALA A 133 25.34 -8.31 -52.44
CA ALA A 133 26.41 -8.44 -51.45
C ALA A 133 25.85 -8.76 -50.04
N GLU A 134 24.66 -8.18 -49.65
CA GLU A 134 24.04 -8.43 -48.32
C GLU A 134 23.50 -9.82 -48.16
N ARG A 135 22.98 -10.42 -49.25
CA ARG A 135 22.46 -11.79 -49.30
C ARG A 135 23.46 -12.72 -48.65
N GLY A 136 24.73 -12.57 -49.06
CA GLY A 136 25.87 -13.32 -48.54
C GLY A 136 26.14 -12.99 -47.08
N VAL A 137 26.19 -11.68 -46.74
CA VAL A 137 26.40 -11.20 -45.35
C VAL A 137 25.39 -11.84 -44.39
N ILE A 138 24.09 -11.73 -44.70
CA ILE A 138 22.98 -12.29 -43.93
C ILE A 138 23.10 -13.83 -43.85
N THR A 139 23.32 -14.51 -45.01
CA THR A 139 23.42 -15.99 -45.10
C THR A 139 24.59 -16.52 -44.24
N GLU A 140 25.77 -15.88 -44.31
CA GLU A 140 26.94 -16.34 -43.55
C GLU A 140 26.74 -16.16 -42.03
N GLU A 141 26.11 -15.04 -41.59
CA GLU A 141 25.80 -14.76 -40.17
C GLU A 141 24.90 -15.86 -39.62
N TRP A 142 23.83 -16.21 -40.37
CA TRP A 142 22.87 -17.24 -40.02
C TRP A 142 23.55 -18.60 -39.89
N ARG A 143 24.38 -18.99 -40.89
CA ARG A 143 25.16 -20.24 -40.90
C ARG A 143 26.12 -20.34 -39.71
N ALA A 144 26.84 -19.24 -39.43
CA ALA A 144 27.87 -19.16 -38.40
C ALA A 144 27.38 -19.21 -36.94
N HIS A 145 26.14 -18.82 -36.64
CA HIS A 145 25.73 -18.77 -35.24
C HIS A 145 24.72 -19.86 -34.82
N GLN A 146 24.78 -21.02 -35.49
CA GLN A 146 23.95 -22.18 -35.18
C GLN A 146 24.66 -23.06 -34.13
N ASP A 147 24.71 -22.59 -32.88
CA ASP A 147 25.33 -23.28 -31.76
C ASP A 147 24.30 -24.06 -30.90
N ALA A 148 24.75 -24.62 -29.77
CA ALA A 148 23.96 -25.37 -28.81
C ALA A 148 22.67 -24.64 -28.40
N LYS A 149 22.79 -23.34 -28.03
CA LYS A 149 21.69 -22.47 -27.58
C LYS A 149 20.68 -22.23 -28.68
N TRP A 150 21.17 -21.99 -29.92
CA TRP A 150 20.33 -21.79 -31.08
C TRP A 150 19.56 -23.07 -31.39
N ARG A 151 20.24 -24.23 -31.42
CA ARG A 151 19.60 -25.53 -31.68
C ARG A 151 18.54 -25.87 -30.61
N THR A 152 18.82 -25.51 -29.33
CA THR A 152 17.92 -25.72 -28.20
C THR A 152 16.63 -24.92 -28.40
N SER A 153 16.75 -23.60 -28.62
CA SER A 153 15.58 -22.76 -28.86
C SER A 153 14.85 -23.18 -30.13
N GLN A 154 15.58 -23.64 -31.18
CA GLN A 154 14.96 -24.15 -32.42
C GLN A 154 14.09 -25.37 -32.14
N ALA A 155 14.57 -26.27 -31.25
CA ALA A 155 13.89 -27.49 -30.85
C ALA A 155 12.62 -27.20 -30.00
N ARG A 156 12.69 -26.18 -29.12
CA ARG A 156 11.62 -25.72 -28.22
C ARG A 156 10.48 -24.98 -28.96
N ARG A 157 10.86 -24.20 -30.00
CA ARG A 157 10.01 -23.37 -30.84
C ARG A 157 8.63 -23.93 -31.17
N PRO A 158 8.46 -25.14 -31.75
CA PRO A 158 7.09 -25.59 -32.09
C PRO A 158 6.17 -25.75 -30.89
N PHE A 159 6.74 -26.06 -29.71
CA PHE A 159 6.04 -26.26 -28.45
C PHE A 159 5.71 -24.93 -27.81
N LEU A 160 6.73 -24.06 -27.71
CA LEU A 160 6.63 -22.74 -27.12
C LEU A 160 5.78 -21.77 -27.95
N LEU A 161 5.95 -21.77 -29.29
CA LEU A 161 5.28 -20.83 -30.19
C LEU A 161 4.04 -21.38 -30.88
N ALA A 162 3.50 -22.51 -30.39
CA ALA A 162 2.30 -23.13 -30.94
C ALA A 162 1.17 -22.10 -31.11
N ASN A 163 0.55 -22.07 -32.30
CA ASN A 163 -0.58 -21.20 -32.63
C ASN A 163 -0.28 -19.69 -32.54
N THR A 164 0.96 -19.30 -32.89
CA THR A 164 1.35 -17.90 -32.93
C THR A 164 1.75 -17.58 -34.38
N ARG A 165 1.65 -16.30 -34.73
CA ARG A 165 2.11 -15.81 -36.01
C ARG A 165 3.66 -15.90 -35.96
N ASN A 166 4.23 -15.65 -34.76
CA ASN A 166 5.65 -15.71 -34.43
C ASN A 166 6.26 -17.04 -34.84
N LEU A 167 5.52 -18.16 -34.71
CA LEU A 167 6.01 -19.47 -35.12
C LEU A 167 6.43 -19.47 -36.59
N ASP A 168 5.63 -18.86 -37.44
CA ASP A 168 5.83 -18.82 -38.89
C ASP A 168 6.57 -17.55 -39.37
N ARG A 169 7.04 -16.72 -38.44
CA ARG A 169 7.65 -15.45 -38.77
C ARG A 169 8.95 -15.14 -38.03
N GLU A 170 9.89 -16.12 -37.91
CA GLU A 170 11.22 -15.88 -37.32
C GLU A 170 11.89 -14.67 -38.05
N PRO A 171 12.43 -13.62 -37.34
CA PRO A 171 13.00 -12.46 -38.07
C PRO A 171 14.00 -12.76 -39.21
N ILE A 172 14.88 -13.75 -39.06
CA ILE A 172 15.85 -14.10 -40.11
C ILE A 172 15.14 -14.53 -41.43
N GLY A 173 14.03 -15.24 -41.32
CA GLY A 173 13.27 -15.72 -42.46
C GLY A 173 13.86 -16.95 -43.11
N LEU A 174 13.60 -17.13 -44.43
CA LEU A 174 14.11 -18.26 -45.21
C LEU A 174 15.31 -17.88 -46.07
N MET A 175 16.35 -18.73 -46.05
CA MET A 175 17.57 -18.53 -46.84
C MET A 175 17.29 -18.44 -48.34
N ASP A 176 16.22 -19.11 -48.79
CA ASP A 176 15.75 -19.08 -50.17
C ASP A 176 15.24 -17.69 -50.53
N THR A 177 14.49 -17.06 -49.61
CA THR A 177 13.96 -15.71 -49.81
C THR A 177 15.15 -14.72 -49.84
N VAL A 178 16.11 -14.86 -48.91
CA VAL A 178 17.32 -14.03 -48.81
C VAL A 178 18.06 -14.00 -50.18
N ALA A 179 18.22 -15.18 -50.81
CA ALA A 179 18.88 -15.36 -52.10
C ALA A 179 18.09 -14.86 -53.31
N THR A 180 16.74 -14.89 -53.24
CA THR A 180 15.91 -14.53 -54.39
C THR A 180 15.19 -13.16 -54.34
N VAL A 181 15.12 -12.48 -53.17
CA VAL A 181 14.41 -11.17 -53.08
C VAL A 181 14.96 -10.12 -54.06
N THR A 182 14.07 -9.50 -54.82
CA THR A 182 14.52 -8.47 -55.75
C THR A 182 14.57 -7.13 -55.01
N PRO A 183 15.51 -6.22 -55.41
CA PRO A 183 15.54 -4.86 -54.81
C PRO A 183 14.18 -4.17 -54.83
N ALA A 184 13.28 -4.52 -55.78
CA ALA A 184 11.94 -3.93 -55.87
C ALA A 184 11.06 -4.41 -54.69
N GLN A 185 11.18 -5.69 -54.29
CA GLN A 185 10.41 -6.24 -53.16
C GLN A 185 10.83 -5.61 -51.82
N LEU A 186 12.14 -5.36 -51.67
CA LEU A 186 12.74 -4.72 -50.49
C LEU A 186 12.30 -3.27 -50.47
N ARG A 187 12.21 -2.64 -51.67
CA ARG A 187 11.73 -1.28 -51.79
C ARG A 187 10.24 -1.21 -51.40
N GLN A 188 9.43 -2.17 -51.89
CA GLN A 188 7.99 -2.28 -51.61
C GLN A 188 7.65 -2.37 -50.13
N PHE A 189 8.39 -3.20 -49.35
CA PHE A 189 8.18 -3.36 -47.91
C PHE A 189 8.57 -2.08 -47.16
N TYR A 190 9.70 -1.49 -47.53
CA TYR A 190 10.22 -0.26 -46.96
C TYR A 190 9.23 0.92 -47.12
N GLN A 191 8.67 1.14 -48.33
CA GLN A 191 7.69 2.23 -48.57
C GLN A 191 6.41 2.02 -47.78
N ARG A 192 6.01 0.73 -47.62
CA ARG A 192 4.81 0.25 -46.95
C ARG A 192 4.80 0.56 -45.45
N TRP A 193 5.93 0.31 -44.77
CA TRP A 193 6.04 0.45 -43.32
C TRP A 193 6.91 1.61 -42.84
N TYR A 194 7.84 2.11 -43.66
CA TYR A 194 8.72 3.18 -43.21
C TYR A 194 8.10 4.53 -43.50
N GLN A 195 7.02 4.83 -42.75
CA GLN A 195 6.29 6.10 -42.86
C GLN A 195 6.16 6.77 -41.50
N PRO A 196 6.20 8.12 -41.43
CA PRO A 196 6.27 8.81 -40.13
C PRO A 196 5.30 8.35 -39.05
N ASN A 197 4.02 8.12 -39.38
CA ASN A 197 3.02 7.69 -38.39
C ASN A 197 3.28 6.27 -37.79
N ASN A 198 4.18 5.46 -38.42
CA ASN A 198 4.61 4.14 -37.93
C ASN A 198 5.97 4.24 -37.23
N MET A 199 6.43 5.47 -36.93
CA MET A 199 7.74 5.69 -36.32
C MET A 199 7.72 6.48 -35.04
N THR A 200 8.65 6.13 -34.13
CA THR A 200 8.87 6.85 -32.87
C THR A 200 10.37 7.17 -32.77
N PHE A 201 10.68 8.45 -32.47
CA PHE A 201 12.05 8.89 -32.28
C PHE A 201 12.29 9.07 -30.77
N ILE A 202 13.24 8.33 -30.23
CA ILE A 202 13.55 8.30 -28.80
C ILE A 202 14.89 9.01 -28.56
N VAL A 203 14.89 9.92 -27.57
CA VAL A 203 16.04 10.73 -27.17
C VAL A 203 16.18 10.59 -25.64
N VAL A 204 17.23 9.88 -25.17
CA VAL A 204 17.44 9.68 -23.73
C VAL A 204 18.87 10.10 -23.39
N GLY A 205 19.01 11.09 -22.51
CA GLY A 205 20.34 11.56 -22.09
C GLY A 205 20.50 13.02 -21.75
N ASP A 206 21.77 13.43 -21.56
CA ASP A 206 22.21 14.77 -21.17
C ASP A 206 21.91 15.79 -22.26
N ILE A 207 20.68 16.32 -22.21
CA ILE A 207 20.11 17.28 -23.16
C ILE A 207 18.85 17.87 -22.53
N ASP A 208 18.62 19.17 -22.74
CA ASP A 208 17.43 19.83 -22.20
C ASP A 208 16.28 19.67 -23.19
N SER A 209 15.04 19.75 -22.70
CA SER A 209 13.80 19.64 -23.47
C SER A 209 13.79 20.55 -24.72
N LYS A 210 14.35 21.77 -24.59
CA LYS A 210 14.46 22.78 -25.64
C LYS A 210 15.35 22.29 -26.79
N GLU A 211 16.55 21.78 -26.45
CA GLU A 211 17.55 21.31 -27.41
C GLU A 211 17.13 20.03 -28.10
N ALA A 212 16.69 19.01 -27.33
CA ALA A 212 16.24 17.73 -27.87
C ALA A 212 15.07 17.89 -28.85
N LEU A 213 14.09 18.77 -28.54
CA LEU A 213 12.94 19.00 -29.43
C LEU A 213 13.38 19.65 -30.73
N ALA A 214 14.26 20.65 -30.65
CA ALA A 214 14.83 21.36 -31.80
C ALA A 214 15.67 20.43 -32.68
N LEU A 215 16.25 19.35 -32.09
CA LEU A 215 17.03 18.38 -32.83
C LEU A 215 16.08 17.54 -33.71
N ILE A 216 14.90 17.20 -33.15
CA ILE A 216 13.85 16.42 -33.81
C ILE A 216 13.13 17.28 -34.87
N LYS A 217 12.59 18.45 -34.46
CA LYS A 217 11.84 19.35 -35.34
C LYS A 217 12.67 19.90 -36.51
N ASP A 218 13.97 20.12 -36.33
CA ASP A 218 14.82 20.63 -37.40
C ASP A 218 15.06 19.60 -38.51
N ASN A 219 15.03 18.31 -38.19
CA ASN A 219 15.38 17.29 -39.18
C ASN A 219 14.27 16.34 -39.60
N LEU A 220 13.37 15.98 -38.68
CA LEU A 220 12.33 15.00 -38.97
C LEU A 220 10.94 15.63 -39.28
N SER A 221 10.77 16.97 -39.12
CA SER A 221 9.51 17.65 -39.45
C SER A 221 9.22 17.58 -40.95
N LYS A 222 10.29 17.72 -41.77
CA LYS A 222 10.25 17.77 -43.23
C LYS A 222 9.79 16.49 -43.91
N LEU A 223 9.87 15.34 -43.19
CA LEU A 223 9.45 14.04 -43.73
C LEU A 223 7.97 14.09 -44.16
N PRO A 224 7.65 13.74 -45.43
CA PRO A 224 6.25 13.78 -45.92
C PRO A 224 5.27 13.00 -45.05
N ALA A 225 4.08 13.59 -44.77
CA ALA A 225 3.03 13.04 -43.91
C ALA A 225 2.26 11.86 -44.54
N ASN A 226 3.02 10.89 -45.05
CA ASN A 226 2.53 9.66 -45.66
C ASN A 226 2.01 8.73 -44.56
N LYS A 227 1.04 7.87 -44.91
CA LYS A 227 0.45 6.90 -43.99
C LYS A 227 1.00 5.53 -44.30
N ALA A 228 1.46 4.84 -43.28
CA ALA A 228 2.00 3.49 -43.40
C ALA A 228 0.83 2.51 -43.48
N ALA A 229 1.12 1.27 -43.89
CA ALA A 229 0.09 0.25 -43.93
C ALA A 229 -0.39 -0.01 -42.49
N GLU A 230 -1.60 -0.59 -42.33
CA GLU A 230 -2.11 -0.88 -41.00
C GLU A 230 -1.37 -2.11 -40.47
N ASN A 231 -0.86 -2.03 -39.23
CA ASN A 231 -0.19 -3.15 -38.58
C ASN A 231 -1.24 -4.22 -38.22
N ARG A 232 -1.01 -5.45 -38.67
CA ARG A 232 -1.93 -6.55 -38.40
C ARG A 232 -1.65 -7.25 -37.05
N VAL A 233 -2.69 -7.82 -36.45
CA VAL A 233 -2.64 -8.47 -35.14
C VAL A 233 -3.18 -9.88 -35.25
N TRP A 234 -2.35 -10.87 -34.88
CA TRP A 234 -2.73 -12.27 -34.88
C TRP A 234 -2.90 -12.72 -33.42
N PRO A 235 -4.16 -12.77 -32.89
CA PRO A 235 -4.37 -13.23 -31.51
C PRO A 235 -4.00 -14.70 -31.32
N THR A 236 -3.27 -14.99 -30.25
CA THR A 236 -2.80 -16.33 -29.92
C THR A 236 -3.93 -17.25 -29.45
N LYS A 237 -4.11 -18.39 -30.14
CA LYS A 237 -5.12 -19.37 -29.80
C LYS A 237 -4.48 -20.37 -28.85
N ALA A 238 -5.16 -20.67 -27.72
CA ALA A 238 -4.66 -21.62 -26.75
C ALA A 238 -4.55 -23.02 -27.37
N GLU A 239 -3.44 -23.72 -27.05
CA GLU A 239 -3.17 -25.08 -27.49
C GLU A 239 -3.48 -25.96 -26.28
N ASN A 240 -4.79 -26.22 -26.05
CA ASN A 240 -5.32 -26.94 -24.90
C ASN A 240 -5.10 -28.46 -24.91
N HIS A 241 -3.83 -28.87 -24.94
CA HIS A 241 -3.36 -30.23 -24.78
C HIS A 241 -1.89 -30.25 -24.38
N LEU A 242 -1.51 -31.26 -23.61
CA LEU A 242 -0.17 -31.44 -23.09
C LEU A 242 0.77 -32.04 -24.14
N ARG A 243 1.95 -31.43 -24.30
CA ARG A 243 2.99 -31.91 -25.22
C ARG A 243 4.21 -32.38 -24.43
N PHE A 244 5.13 -33.08 -25.11
CA PHE A 244 6.31 -33.68 -24.50
C PHE A 244 7.49 -33.59 -25.46
N ASN A 245 8.64 -33.14 -24.95
CA ASN A 245 9.85 -33.05 -25.75
C ASN A 245 11.08 -33.41 -24.95
N ILE A 246 12.06 -34.00 -25.63
CA ILE A 246 13.37 -34.33 -25.06
C ILE A 246 14.38 -33.72 -26.02
N ILE A 247 15.17 -32.75 -25.53
CA ILE A 247 16.21 -32.08 -26.31
C ILE A 247 17.55 -32.78 -26.04
N ASN A 248 18.10 -33.40 -27.09
CA ASN A 248 19.37 -34.12 -27.08
C ASN A 248 20.42 -33.32 -27.87
N ASP A 249 21.47 -32.85 -27.17
CA ASP A 249 22.54 -32.01 -27.72
C ASP A 249 23.75 -32.14 -26.79
N LYS A 250 24.84 -32.77 -27.28
CA LYS A 250 26.07 -33.03 -26.51
C LYS A 250 26.80 -31.75 -26.09
N GLU A 251 26.53 -30.63 -26.82
CA GLU A 251 27.14 -29.34 -26.56
C GLU A 251 26.47 -28.57 -25.40
N ASN A 252 25.25 -28.99 -24.97
CA ASN A 252 24.54 -28.39 -23.82
C ASN A 252 25.28 -28.86 -22.57
N ARG A 253 25.46 -28.00 -21.56
CA ARG A 253 26.23 -28.45 -20.41
C ARG A 253 25.39 -28.65 -19.13
N VAL A 254 24.06 -28.39 -19.20
CA VAL A 254 23.13 -28.56 -18.08
C VAL A 254 22.02 -29.54 -18.46
N ASN A 255 21.94 -30.67 -17.74
CA ASN A 255 20.87 -31.66 -17.89
C ASN A 255 19.71 -31.24 -16.97
N GLY A 256 18.47 -31.56 -17.37
CA GLY A 256 17.33 -31.20 -16.53
C GLY A 256 15.94 -31.40 -17.07
N ILE A 257 14.96 -30.97 -16.28
CA ILE A 257 13.53 -31.10 -16.61
C ILE A 257 12.83 -29.77 -16.39
N ALA A 258 11.82 -29.51 -17.20
CA ALA A 258 11.04 -28.29 -17.10
C ALA A 258 9.59 -28.49 -17.49
N LEU A 259 8.69 -27.77 -16.81
CA LEU A 259 7.26 -27.72 -17.12
C LEU A 259 6.97 -26.28 -17.53
N TYR A 260 6.55 -26.09 -18.80
CA TYR A 260 6.19 -24.82 -19.40
C TYR A 260 4.67 -24.68 -19.51
N TYR A 261 4.14 -23.50 -19.11
CA TYR A 261 2.71 -23.15 -19.21
C TYR A 261 2.60 -21.98 -20.15
N ARG A 262 1.55 -21.94 -20.97
CA ARG A 262 1.33 -20.85 -21.91
C ARG A 262 -0.01 -20.21 -21.57
N LEU A 263 0.02 -18.90 -21.30
CA LEU A 263 -1.14 -18.13 -20.88
C LEU A 263 -1.07 -16.70 -21.44
N PRO A 264 -2.20 -15.95 -21.45
CA PRO A 264 -2.16 -14.57 -21.96
C PRO A 264 -1.32 -13.64 -21.12
N MET A 265 -0.81 -12.60 -21.76
CA MET A 265 0.01 -11.62 -21.09
C MET A 265 -0.68 -10.27 -21.15
N VAL A 266 -1.05 -9.75 -19.98
CA VAL A 266 -1.70 -8.44 -19.89
C VAL A 266 -0.72 -7.30 -20.09
N GLN A 267 -1.25 -6.19 -20.60
CA GLN A 267 -0.52 -4.94 -20.75
C GLN A 267 -0.86 -4.10 -19.52
N VAL A 268 0.16 -3.74 -18.73
CA VAL A 268 0.03 -2.94 -17.49
C VAL A 268 -0.24 -1.48 -17.88
N ASN A 269 -1.52 -1.08 -17.78
CA ASN A 269 -1.97 0.28 -18.11
C ASN A 269 -3.03 0.86 -17.12
N ASP A 270 -3.36 0.09 -16.06
CA ASP A 270 -4.31 0.46 -15.02
C ASP A 270 -3.98 -0.28 -13.72
N GLU A 271 -4.76 -0.05 -12.65
CA GLU A 271 -4.55 -0.66 -11.33
C GLU A 271 -4.77 -2.17 -11.36
N GLN A 272 -5.88 -2.60 -11.98
CA GLN A 272 -6.27 -4.01 -12.10
C GLN A 272 -5.15 -4.84 -12.75
N SER A 273 -4.70 -4.45 -13.97
CA SER A 273 -3.64 -5.11 -14.73
C SER A 273 -2.27 -5.02 -14.06
N PHE A 274 -2.03 -3.94 -13.28
CA PHE A 274 -0.77 -3.80 -12.54
C PHE A 274 -0.67 -4.98 -11.58
N ILE A 275 -1.75 -5.22 -10.80
CA ILE A 275 -1.91 -6.29 -9.81
C ILE A 275 -1.83 -7.67 -10.46
N GLU A 276 -2.60 -7.89 -11.54
CA GLU A 276 -2.66 -9.14 -12.32
C GLU A 276 -1.25 -9.62 -12.66
N GLN A 277 -0.43 -8.71 -13.21
CA GLN A 277 0.96 -8.94 -13.57
C GLN A 277 1.81 -9.19 -12.31
N ALA A 278 1.56 -8.44 -11.22
CA ALA A 278 2.31 -8.61 -9.97
C ALA A 278 2.05 -9.97 -9.35
N GLU A 279 0.84 -10.51 -9.49
CA GLU A 279 0.49 -11.82 -8.96
C GLU A 279 1.29 -12.93 -9.64
N TRP A 280 1.37 -12.92 -10.99
CA TRP A 280 2.15 -13.90 -11.76
C TRP A 280 3.61 -13.78 -11.40
N SER A 281 4.07 -12.52 -11.29
CA SER A 281 5.42 -12.16 -10.94
C SER A 281 5.77 -12.67 -9.53
N MET A 282 4.82 -12.59 -8.58
CA MET A 282 5.06 -13.05 -7.21
C MET A 282 5.06 -14.55 -7.09
N LEU A 283 4.23 -15.25 -7.87
CA LEU A 283 4.25 -16.72 -7.88
C LEU A 283 5.60 -17.23 -8.38
N VAL A 284 6.23 -16.52 -9.34
CA VAL A 284 7.55 -16.85 -9.88
C VAL A 284 8.59 -16.64 -8.77
N GLN A 285 8.54 -15.45 -8.11
CA GLN A 285 9.42 -15.07 -7.01
C GLN A 285 9.31 -15.97 -5.78
N LEU A 286 8.08 -16.39 -5.43
CA LEU A 286 7.80 -17.29 -4.30
C LEU A 286 8.41 -18.67 -4.52
N PHE A 287 8.37 -19.16 -5.78
CA PHE A 287 8.89 -20.47 -6.14
C PHE A 287 10.42 -20.48 -6.00
N ASN A 288 11.07 -19.44 -6.52
CA ASN A 288 12.51 -19.23 -6.50
C ASN A 288 13.06 -19.07 -5.08
N GLN A 289 12.35 -18.28 -4.23
CA GLN A 289 12.67 -18.02 -2.83
C GLN A 289 12.68 -19.33 -2.06
N ARG A 290 11.61 -20.11 -2.20
CA ARG A 290 11.45 -21.40 -1.54
C ARG A 290 12.50 -22.39 -2.03
N LEU A 291 12.81 -22.38 -3.33
CA LEU A 291 13.77 -23.33 -3.88
C LEU A 291 15.21 -23.05 -3.42
N GLN A 292 15.60 -21.75 -3.39
CA GLN A 292 16.92 -21.33 -2.93
C GLN A 292 17.10 -21.70 -1.46
N GLU A 293 16.03 -21.47 -0.66
CA GLU A 293 15.98 -21.78 0.77
C GLU A 293 16.06 -23.30 1.05
N ARG A 294 15.55 -24.13 0.13
CA ARG A 294 15.59 -25.60 0.27
C ARG A 294 16.94 -26.19 -0.22
N ILE A 295 17.69 -25.44 -1.03
CA ILE A 295 19.01 -25.87 -1.52
C ILE A 295 20.05 -25.48 -0.47
N GLN A 296 19.98 -24.22 0.02
CA GLN A 296 20.88 -23.65 1.02
C GLN A 296 20.83 -24.36 2.38
N SER A 297 19.67 -24.98 2.73
CA SER A 297 19.46 -25.72 3.97
C SER A 297 19.84 -27.20 3.84
N GLY A 298 20.20 -27.62 2.63
CA GLY A 298 20.57 -28.99 2.31
C GLY A 298 19.42 -29.96 2.11
N GLU A 299 18.17 -29.45 1.95
CA GLU A 299 16.98 -30.28 1.75
C GLU A 299 16.86 -30.90 0.34
N LEU A 300 17.61 -30.36 -0.65
CA LEU A 300 17.59 -30.87 -2.03
C LEU A 300 18.98 -31.23 -2.56
N LYS A 301 19.65 -32.19 -1.89
CA LYS A 301 20.98 -32.68 -2.26
C LYS A 301 21.01 -33.42 -3.61
N THR A 302 19.87 -33.97 -4.03
CA THR A 302 19.68 -34.74 -5.27
C THR A 302 19.79 -33.92 -6.57
N ILE A 303 19.72 -32.56 -6.49
CA ILE A 303 19.73 -31.66 -7.64
C ILE A 303 20.73 -30.50 -7.51
N SER A 304 21.09 -29.89 -8.67
CA SER A 304 22.02 -28.76 -8.81
C SER A 304 21.33 -27.48 -8.35
N GLY A 305 20.26 -27.16 -9.04
CA GLY A 305 19.44 -25.97 -8.81
C GLY A 305 18.18 -26.04 -9.63
N GLY A 306 17.57 -24.88 -9.79
CA GLY A 306 16.33 -24.73 -10.54
C GLY A 306 15.78 -23.33 -10.43
N THR A 307 14.77 -23.02 -11.27
CA THR A 307 14.19 -21.69 -11.34
C THR A 307 12.82 -21.66 -11.99
N ALA A 308 12.08 -20.58 -11.73
CA ALA A 308 10.83 -20.24 -12.34
C ALA A 308 11.13 -18.98 -13.12
N ARG A 309 10.58 -18.85 -14.32
CA ARG A 309 10.80 -17.69 -15.17
C ARG A 309 9.56 -17.52 -16.07
N SER A 310 9.37 -16.31 -16.57
CA SER A 310 8.30 -15.98 -17.50
C SER A 310 8.92 -15.30 -18.70
N VAL A 311 8.46 -15.64 -19.88
CA VAL A 311 9.01 -15.05 -21.09
C VAL A 311 7.87 -14.75 -22.08
N LYS A 312 8.00 -13.62 -22.80
CA LYS A 312 7.07 -13.18 -23.82
C LYS A 312 7.25 -14.10 -25.03
N ILE A 313 6.15 -14.66 -25.54
CA ILE A 313 6.21 -15.56 -26.68
C ILE A 313 5.53 -14.97 -27.90
N ALA A 314 4.69 -13.94 -27.68
CA ALA A 314 3.90 -13.24 -28.68
C ALA A 314 3.46 -11.91 -28.08
N PRO A 315 2.96 -10.93 -28.87
CA PRO A 315 2.54 -9.65 -28.26
C PRO A 315 1.48 -9.76 -27.14
N ASP A 316 0.61 -10.79 -27.23
CA ASP A 316 -0.48 -11.01 -26.27
C ASP A 316 -0.26 -12.21 -25.32
N TYR A 317 0.87 -12.91 -25.44
CA TYR A 317 1.12 -14.15 -24.72
C TYR A 317 2.47 -14.28 -24.11
N GLN A 318 2.56 -15.21 -23.15
CA GLN A 318 3.78 -15.50 -22.41
C GLN A 318 3.82 -16.96 -21.97
N SER A 319 4.95 -17.35 -21.41
CA SER A 319 5.15 -18.68 -20.83
C SER A 319 5.76 -18.52 -19.45
N LEU A 320 5.21 -19.25 -18.50
CA LEU A 320 5.63 -19.36 -17.13
C LEU A 320 6.11 -20.79 -16.99
N PHE A 321 7.41 -20.96 -16.75
CA PHE A 321 7.99 -22.29 -16.61
C PHE A 321 8.73 -22.51 -15.28
N PHE A 322 8.85 -23.79 -14.88
CA PHE A 322 9.49 -24.24 -13.66
C PHE A 322 10.50 -25.31 -14.04
N ARG A 323 11.76 -24.97 -13.88
CA ARG A 323 12.87 -25.82 -14.27
C ARG A 323 13.64 -26.34 -13.06
N VAL A 324 14.04 -27.60 -13.14
CA VAL A 324 14.90 -28.25 -12.16
C VAL A 324 16.10 -28.82 -12.92
N ASN A 325 17.30 -28.40 -12.53
CA ASN A 325 18.59 -28.80 -13.10
C ASN A 325 19.10 -30.06 -12.39
N ALA A 326 19.32 -31.14 -13.16
CA ALA A 326 19.78 -32.42 -12.62
C ALA A 326 21.23 -32.44 -12.15
N ARG A 327 21.52 -33.24 -11.12
CA ARG A 327 22.87 -33.46 -10.63
C ARG A 327 23.47 -34.47 -11.63
N ASP A 328 24.47 -34.02 -12.40
CA ASP A 328 25.15 -34.82 -13.43
C ASP A 328 24.14 -35.36 -14.45
N ASP A 329 23.68 -36.64 -14.30
CA ASP A 329 22.72 -37.26 -15.23
C ASP A 329 21.53 -37.89 -14.49
N ASN A 330 21.34 -37.52 -13.21
CA ASN A 330 20.27 -38.04 -12.35
C ASN A 330 18.92 -37.40 -12.70
N MET A 331 18.35 -37.84 -13.85
CA MET A 331 17.10 -37.36 -14.45
C MET A 331 15.88 -37.63 -13.59
N GLN A 332 15.80 -38.85 -13.01
CA GLN A 332 14.70 -39.30 -12.14
C GLN A 332 14.64 -38.41 -10.87
N ASP A 333 15.80 -38.12 -10.26
CA ASP A 333 15.89 -37.27 -9.08
C ASP A 333 15.38 -35.89 -9.40
N ALA A 334 15.77 -35.33 -10.56
CA ALA A 334 15.34 -34.02 -11.03
C ALA A 334 13.81 -33.97 -11.19
N ALA A 335 13.23 -35.02 -11.79
CA ALA A 335 11.80 -35.18 -12.02
C ALA A 335 11.04 -35.24 -10.70
N ASN A 336 11.58 -35.98 -9.72
CA ASN A 336 11.01 -36.11 -8.38
C ASN A 336 11.02 -34.82 -7.62
N ALA A 337 12.11 -34.02 -7.73
CA ALA A 337 12.20 -32.75 -7.02
C ALA A 337 11.23 -31.72 -7.61
N LEU A 338 11.11 -31.69 -8.95
CA LEU A 338 10.21 -30.75 -9.58
C LEU A 338 8.76 -31.07 -9.23
N MET A 339 8.33 -32.34 -9.43
CA MET A 339 6.96 -32.75 -9.13
C MET A 339 6.62 -32.68 -7.67
N ALA A 340 7.58 -32.95 -6.79
CA ALA A 340 7.39 -32.82 -5.34
C ALA A 340 7.26 -31.35 -4.96
N GLU A 341 7.99 -30.45 -5.63
CA GLU A 341 7.89 -29.02 -5.33
C GLU A 341 6.53 -28.45 -5.67
N LEU A 342 6.06 -28.75 -6.91
CA LEU A 342 4.77 -28.30 -7.44
C LEU A 342 3.58 -28.90 -6.66
N ALA A 343 3.64 -30.20 -6.33
CA ALA A 343 2.55 -30.86 -5.57
C ALA A 343 2.38 -30.26 -4.18
N THR A 344 3.52 -29.96 -3.52
CA THR A 344 3.56 -29.31 -2.21
C THR A 344 2.80 -27.98 -2.32
N ILE A 345 3.10 -27.16 -3.36
CA ILE A 345 2.41 -25.87 -3.57
C ILE A 345 0.91 -26.08 -3.83
N ASP A 346 0.52 -27.14 -4.56
CA ASP A 346 -0.89 -27.47 -4.83
C ASP A 346 -1.61 -27.71 -3.51
N GLN A 347 -0.96 -28.48 -2.61
CA GLN A 347 -1.47 -28.89 -1.31
C GLN A 347 -1.46 -27.84 -0.20
N HIS A 348 -0.41 -26.99 -0.10
CA HIS A 348 -0.34 -26.07 1.04
C HIS A 348 -0.17 -24.59 0.67
N GLY A 349 0.13 -24.31 -0.61
CA GLY A 349 0.34 -22.95 -1.08
C GLY A 349 1.58 -22.32 -0.48
N PHE A 350 1.60 -21.00 -0.38
CA PHE A 350 2.72 -20.26 0.21
C PHE A 350 2.25 -19.57 1.46
N SER A 351 3.09 -19.56 2.50
CA SER A 351 2.75 -18.94 3.79
C SER A 351 2.80 -17.41 3.72
N ALA A 352 2.13 -16.75 4.68
CA ALA A 352 2.12 -15.29 4.84
C ALA A 352 3.55 -14.76 5.02
N GLU A 353 4.40 -15.52 5.75
CA GLU A 353 5.82 -15.22 5.98
C GLU A 353 6.59 -15.25 4.66
N GLU A 354 6.21 -16.17 3.75
CA GLU A 354 6.82 -16.29 2.42
C GLU A 354 6.42 -15.07 1.57
N LEU A 355 5.11 -14.72 1.55
CA LEU A 355 4.59 -13.60 0.77
C LEU A 355 5.19 -12.26 1.21
N ASP A 356 5.34 -12.09 2.53
CA ASP A 356 5.89 -10.88 3.11
C ASP A 356 7.37 -10.69 2.84
N ASP A 357 8.18 -11.76 2.89
CA ASP A 357 9.61 -11.66 2.59
C ASP A 357 9.82 -11.22 1.15
N VAL A 358 9.05 -11.79 0.21
CA VAL A 358 9.07 -11.46 -1.22
C VAL A 358 8.68 -9.99 -1.42
N LYS A 359 7.60 -9.51 -0.76
CA LYS A 359 7.17 -8.11 -0.84
C LYS A 359 8.22 -7.15 -0.26
N SER A 360 8.68 -7.39 0.98
CA SER A 360 9.68 -6.56 1.64
C SER A 360 11.01 -6.51 0.87
N THR A 361 11.39 -7.64 0.22
CA THR A 361 12.60 -7.71 -0.59
C THR A 361 12.45 -6.74 -1.80
N ARG A 362 11.33 -6.88 -2.55
CA ARG A 362 11.04 -6.07 -3.72
C ARG A 362 10.95 -4.58 -3.43
N LEU A 363 10.25 -4.20 -2.34
CA LEU A 363 10.09 -2.80 -1.93
C LEU A 363 11.41 -2.15 -1.54
N THR A 364 12.32 -2.91 -0.88
CA THR A 364 13.67 -2.46 -0.52
C THR A 364 14.44 -2.08 -1.79
N TRP A 365 14.38 -2.95 -2.83
CA TRP A 365 15.02 -2.71 -4.11
C TRP A 365 14.40 -1.48 -4.78
N LEU A 366 13.05 -1.35 -4.71
CA LEU A 366 12.34 -0.21 -5.30
C LEU A 366 12.63 1.09 -4.56
N LYS A 367 12.98 1.00 -3.26
CA LYS A 367 13.35 2.13 -2.40
C LYS A 367 14.73 2.62 -2.82
N ASN A 368 15.66 1.67 -3.06
CA ASN A 368 17.02 1.95 -3.51
C ASN A 368 17.05 2.35 -4.98
N ALA A 369 15.97 2.02 -5.74
CA ALA A 369 15.80 2.39 -7.13
C ALA A 369 15.43 3.87 -7.21
N VAL A 370 14.65 4.37 -6.22
CA VAL A 370 14.22 5.78 -6.13
C VAL A 370 15.43 6.68 -5.87
N ASP A 371 16.23 6.33 -4.85
CA ASP A 371 17.42 7.06 -4.43
C ASP A 371 18.49 7.11 -5.52
N GLN A 372 18.82 5.94 -6.08
CA GLN A 372 19.88 5.77 -7.10
C GLN A 372 19.37 5.90 -8.56
N GLN A 373 18.27 6.63 -8.79
CA GLN A 373 17.68 6.77 -10.13
C GLN A 373 18.56 7.60 -11.10
N ALA A 374 19.33 8.57 -10.59
CA ALA A 374 20.23 9.36 -11.45
C ALA A 374 21.42 8.52 -11.94
N GLU A 375 21.66 7.35 -11.30
CA GLU A 375 22.75 6.44 -11.63
C GLU A 375 22.28 5.27 -12.49
N ARG A 376 21.04 5.35 -13.00
CA ARG A 376 20.45 4.32 -13.88
C ARG A 376 21.31 4.09 -15.13
N ASP A 377 21.32 2.83 -15.62
CA ASP A 377 22.04 2.48 -16.85
C ASP A 377 21.28 3.09 -18.02
N LEU A 378 21.96 3.92 -18.83
CA LEU A 378 21.35 4.59 -19.97
C LEU A 378 20.69 3.63 -20.97
N ARG A 379 21.40 2.54 -21.38
CA ARG A 379 20.85 1.54 -22.30
C ARG A 379 19.58 0.90 -21.75
N MET A 380 19.63 0.41 -20.48
CA MET A 380 18.54 -0.23 -19.75
C MET A 380 17.30 0.69 -19.74
N LEU A 381 17.49 1.98 -19.37
CA LEU A 381 16.45 3.01 -19.33
C LEU A 381 15.85 3.29 -20.71
N THR A 382 16.71 3.44 -21.76
CA THR A 382 16.28 3.67 -23.14
C THR A 382 15.42 2.51 -23.66
N SER A 383 15.92 1.24 -23.49
CA SER A 383 15.17 0.06 -23.90
C SER A 383 13.82 -0.06 -23.16
N ARG A 384 13.77 0.36 -21.88
CA ARG A 384 12.52 0.36 -21.10
C ARG A 384 11.46 1.31 -21.71
N LEU A 385 11.89 2.51 -22.17
CA LEU A 385 11.02 3.50 -22.82
C LEU A 385 10.50 3.00 -24.14
N ALA A 386 11.39 2.39 -24.97
CA ALA A 386 11.07 1.79 -26.27
C ALA A 386 10.03 0.67 -26.11
N SER A 387 10.06 -0.01 -24.96
CA SER A 387 9.11 -1.09 -24.68
C SER A 387 7.73 -0.52 -24.43
N SER A 388 7.66 0.61 -23.70
CA SER A 388 6.45 1.36 -23.39
C SER A 388 5.84 1.94 -24.67
N SER A 389 6.71 2.43 -25.58
CA SER A 389 6.31 2.99 -26.85
C SER A 389 5.67 1.88 -27.69
N LEU A 390 6.33 0.72 -27.74
CA LEU A 390 5.88 -0.43 -28.49
C LEU A 390 4.52 -0.94 -28.07
N ASN A 391 4.39 -1.27 -26.78
CA ASN A 391 3.21 -1.87 -26.19
C ASN A 391 2.12 -0.90 -25.80
N ASN A 392 2.37 0.43 -25.98
CA ASN A 392 1.44 1.51 -25.64
C ASN A 392 1.06 1.47 -24.13
N THR A 393 2.07 1.32 -23.25
CA THR A 393 1.89 1.24 -21.80
C THR A 393 2.57 2.44 -21.08
N PRO A 394 1.96 2.98 -20.01
CA PRO A 394 2.58 4.14 -19.33
C PRO A 394 3.97 3.88 -18.78
N PHE A 395 4.89 4.81 -18.99
CA PHE A 395 6.25 4.68 -18.45
C PHE A 395 6.24 5.32 -17.07
N LEU A 396 6.40 4.48 -16.02
CA LEU A 396 6.36 4.91 -14.63
C LEU A 396 7.75 5.18 -14.09
N SER A 397 7.85 6.27 -13.29
CA SER A 397 9.07 6.74 -12.63
C SER A 397 9.45 5.79 -11.49
N PRO A 398 10.74 5.73 -11.08
CA PRO A 398 11.09 4.87 -9.91
C PRO A 398 10.23 5.13 -8.67
N GLU A 399 9.85 6.42 -8.43
CA GLU A 399 9.01 6.86 -7.30
C GLU A 399 7.58 6.36 -7.42
N GLU A 400 6.96 6.53 -8.59
CA GLU A 400 5.61 6.06 -8.86
C GLU A 400 5.52 4.52 -8.81
N THR A 401 6.62 3.83 -9.14
CA THR A 401 6.67 2.37 -9.09
C THR A 401 6.66 1.93 -7.62
N TYR A 402 7.42 2.63 -6.75
CA TYR A 402 7.52 2.38 -5.31
C TYR A 402 6.19 2.65 -4.61
N GLN A 403 5.47 3.72 -5.01
CA GLN A 403 4.16 4.11 -4.46
C GLN A 403 3.07 3.14 -4.86
N LEU A 404 2.97 2.83 -6.17
CA LEU A 404 1.96 1.91 -6.72
C LEU A 404 2.11 0.51 -6.17
N SER A 405 3.36 0.04 -5.97
CA SER A 405 3.68 -1.27 -5.44
C SER A 405 3.13 -1.44 -4.02
N LYS A 406 3.54 -0.56 -3.05
CA LYS A 406 3.08 -0.63 -1.66
C LYS A 406 1.57 -0.49 -1.52
N ARG A 407 0.94 0.33 -2.36
CA ARG A 407 -0.50 0.50 -2.28
C ARG A 407 -1.29 -0.67 -2.91
N LEU A 408 -0.92 -1.08 -4.11
CA LEU A 408 -1.69 -2.12 -4.81
C LEU A 408 -1.33 -3.53 -4.42
N TRP A 409 -0.09 -3.79 -3.94
CA TRP A 409 0.31 -5.12 -3.49
C TRP A 409 -0.47 -5.63 -2.26
N GLN A 410 -1.02 -4.70 -1.44
CA GLN A 410 -1.85 -4.99 -0.25
C GLN A 410 -3.06 -5.85 -0.67
N GLN A 411 -3.46 -5.72 -1.95
CA GLN A 411 -4.56 -6.48 -2.56
C GLN A 411 -4.15 -7.91 -2.91
N ILE A 412 -2.85 -8.22 -2.78
CA ILE A 412 -2.34 -9.55 -3.06
C ILE A 412 -2.20 -10.32 -1.75
N THR A 413 -2.95 -11.42 -1.64
CA THR A 413 -2.97 -12.29 -0.46
C THR A 413 -2.56 -13.75 -0.80
N VAL A 414 -2.33 -14.55 0.26
CA VAL A 414 -2.02 -15.98 0.17
C VAL A 414 -3.22 -16.67 -0.57
N GLN A 415 -4.47 -16.19 -0.29
CA GLN A 415 -5.74 -16.66 -0.89
C GLN A 415 -5.84 -16.30 -2.38
N SER A 416 -5.45 -15.05 -2.75
CA SER A 416 -5.49 -14.58 -4.14
C SER A 416 -4.43 -15.29 -4.99
N LEU A 417 -3.26 -15.53 -4.41
CA LEU A 417 -2.18 -16.23 -5.09
C LEU A 417 -2.47 -17.73 -5.17
N ALA A 418 -3.22 -18.29 -4.22
CA ALA A 418 -3.61 -19.70 -4.23
C ALA A 418 -4.58 -20.00 -5.38
N GLU A 419 -5.53 -19.06 -5.69
CA GLU A 419 -6.45 -19.28 -6.80
C GLU A 419 -5.74 -19.11 -8.15
N LYS A 420 -4.77 -18.16 -8.22
CA LYS A 420 -3.95 -17.92 -9.40
C LYS A 420 -3.15 -19.16 -9.73
N TRP A 421 -2.57 -19.80 -8.69
CA TRP A 421 -1.81 -21.03 -8.80
C TRP A 421 -2.71 -22.20 -9.25
N GLN A 422 -3.93 -22.30 -8.65
CA GLN A 422 -4.92 -23.35 -8.99
C GLN A 422 -5.37 -23.23 -10.44
N GLN A 423 -5.56 -21.97 -10.92
CA GLN A 423 -5.92 -21.62 -12.28
C GLN A 423 -4.82 -22.07 -13.25
N LEU A 424 -3.53 -21.74 -12.92
CA LEU A 424 -2.33 -22.10 -13.68
C LEU A 424 -2.17 -23.61 -13.79
N ARG A 425 -2.31 -24.34 -12.68
CA ARG A 425 -2.18 -25.80 -12.65
C ARG A 425 -3.29 -26.51 -13.42
N LYS A 426 -4.44 -25.85 -13.62
CA LYS A 426 -5.56 -26.36 -14.40
C LYS A 426 -5.43 -26.03 -15.90
N ASN A 427 -4.51 -25.10 -16.25
CA ASN A 427 -4.24 -24.70 -17.62
C ASN A 427 -3.67 -25.90 -18.43
N GLN A 428 -4.33 -26.20 -19.56
CA GLN A 428 -4.02 -27.32 -20.43
C GLN A 428 -2.97 -27.00 -21.46
N ASP A 429 -2.73 -25.69 -21.70
CA ASP A 429 -1.69 -25.25 -22.64
C ASP A 429 -0.36 -25.30 -21.90
N ALA A 430 0.24 -26.50 -21.95
CA ALA A 430 1.48 -26.81 -21.23
C ALA A 430 2.26 -27.90 -21.94
N PHE A 431 3.56 -27.99 -21.64
CA PHE A 431 4.43 -29.05 -22.17
C PHE A 431 5.57 -29.35 -21.24
N TRP A 432 5.91 -30.63 -21.15
CA TRP A 432 7.05 -31.13 -20.38
C TRP A 432 8.27 -31.21 -21.29
N GLU A 433 9.41 -30.73 -20.80
CA GLU A 433 10.62 -30.73 -21.60
C GLU A 433 11.81 -31.21 -20.81
N GLN A 434 12.51 -32.23 -21.33
CA GLN A 434 13.72 -32.71 -20.68
C GLN A 434 14.92 -32.39 -21.54
N MET A 435 16.07 -32.14 -20.87
CA MET A 435 17.32 -31.84 -21.54
C MET A 435 18.40 -32.88 -21.20
N VAL A 436 18.88 -33.58 -22.24
CA VAL A 436 19.92 -34.61 -22.12
C VAL A 436 21.13 -34.28 -23.03
N ASN A 437 22.35 -34.40 -22.51
CA ASN A 437 23.60 -34.07 -23.24
C ASN A 437 24.54 -35.29 -23.47
N ASN A 438 24.07 -36.52 -23.15
CA ASN A 438 24.79 -37.79 -23.33
C ASN A 438 23.81 -38.98 -23.37
N GLU A 439 24.33 -40.19 -23.67
CA GLU A 439 23.48 -41.38 -23.80
C GLU A 439 23.07 -42.00 -22.46
N VAL A 440 23.78 -41.68 -21.35
CA VAL A 440 23.34 -42.20 -20.04
C VAL A 440 22.14 -41.42 -19.54
N ALA A 441 22.18 -40.07 -19.67
CA ALA A 441 21.09 -39.16 -19.30
C ALA A 441 19.85 -39.43 -20.14
N ALA A 442 20.05 -39.69 -21.46
CA ALA A 442 18.98 -39.97 -22.41
C ALA A 442 18.19 -41.24 -22.09
N LYS A 443 18.87 -42.29 -21.59
CA LYS A 443 18.24 -43.56 -21.22
C LYS A 443 17.41 -43.40 -19.96
N LYS A 444 17.90 -42.57 -19.03
CA LYS A 444 17.26 -42.27 -17.75
C LYS A 444 16.12 -41.24 -17.92
N ALA A 445 16.09 -40.50 -19.06
CA ALA A 445 15.08 -39.48 -19.37
C ALA A 445 13.70 -40.10 -19.44
N LEU A 446 12.79 -39.53 -18.66
CA LEU A 446 11.41 -39.99 -18.49
C LEU A 446 10.55 -39.92 -19.74
N SER A 447 9.76 -40.98 -19.95
CA SER A 447 8.83 -41.07 -21.06
C SER A 447 7.56 -40.24 -20.71
N PRO A 448 6.68 -39.88 -21.71
CA PRO A 448 5.44 -39.15 -21.36
C PRO A 448 4.59 -39.88 -20.34
N ALA A 449 4.47 -41.21 -20.48
CA ALA A 449 3.72 -42.09 -19.56
C ALA A 449 4.36 -42.05 -18.16
N ALA A 450 5.70 -42.15 -18.08
CA ALA A 450 6.45 -42.07 -16.82
C ALA A 450 6.24 -40.73 -16.12
N ILE A 451 6.25 -39.61 -16.87
CA ILE A 451 6.00 -38.28 -16.29
C ILE A 451 4.59 -38.22 -15.66
N LEU A 452 3.57 -38.59 -16.46
CA LEU A 452 2.19 -38.57 -16.02
C LEU A 452 1.95 -39.45 -14.81
N ALA A 453 2.59 -40.65 -14.77
CA ALA A 453 2.48 -41.60 -13.65
C ALA A 453 3.12 -41.02 -12.41
N LEU A 454 4.25 -40.30 -12.56
CA LEU A 454 4.95 -39.61 -11.47
C LEU A 454 4.09 -38.47 -10.93
N GLU A 455 3.42 -37.73 -11.83
CA GLU A 455 2.53 -36.64 -11.46
C GLU A 455 1.38 -37.12 -10.58
N LYS A 456 0.76 -38.26 -10.94
CA LYS A 456 -0.34 -38.89 -10.18
C LYS A 456 0.12 -39.33 -8.79
N GLU A 457 1.35 -39.88 -8.69
CA GLU A 457 1.95 -40.37 -7.45
C GLU A 457 2.04 -39.29 -6.39
N TYR A 458 2.56 -38.11 -6.76
CA TYR A 458 2.66 -36.97 -5.84
C TYR A 458 1.31 -36.29 -5.61
N ALA A 459 0.38 -36.39 -6.58
CA ALA A 459 -0.96 -35.81 -6.47
C ALA A 459 -1.75 -36.55 -5.41
N ASN A 460 -1.51 -37.88 -5.27
CA ASN A 460 -2.19 -38.75 -4.32
C ASN A 460 -1.44 -38.92 -2.99
N LYS A 461 -0.23 -38.35 -2.86
CA LYS A 461 0.53 -38.40 -1.61
C LYS A 461 0.03 -37.27 -0.70
N LYS A 462 -0.02 -37.50 0.62
CA LYS A 462 -0.39 -36.45 1.57
C LYS A 462 0.94 -35.84 2.05
N LEU A 463 1.46 -34.89 1.27
CA LEU A 463 2.76 -34.24 1.50
C LEU A 463 2.76 -33.34 2.70
N ALA A 464 3.94 -33.24 3.32
CA ALA A 464 4.17 -32.39 4.50
C ALA A 464 4.34 -30.94 4.06
N ALA A 465 3.74 -30.00 4.83
CA ALA A 465 3.84 -28.56 4.54
C ALA A 465 5.26 -28.07 4.76
N TYR A 466 5.66 -27.07 3.97
CA TYR A 466 6.99 -26.51 4.07
C TYR A 466 6.97 -25.33 5.00
N VAL A 467 7.74 -25.41 6.07
CA VAL A 467 7.86 -24.32 7.04
C VAL A 467 8.96 -23.35 6.58
N PHE A 468 8.56 -22.16 6.10
CA PHE A 468 9.56 -21.18 5.67
C PHE A 468 10.11 -20.44 6.89
N PRO A 469 11.46 -20.36 7.03
CA PRO A 469 12.06 -19.67 8.19
C PRO A 469 11.44 -18.30 8.52
N GLY A 470 11.53 -17.35 7.59
CA GLY A 470 11.00 -16.01 7.81
C GLY A 470 12.06 -15.11 8.41
N ARG A 471 12.22 -13.92 7.84
CA ARG A 471 13.23 -12.94 8.24
C ARG A 471 13.06 -12.45 9.65
N ASN A 472 14.20 -12.15 10.32
CA ASN A 472 14.23 -11.56 11.65
C ASN A 472 13.55 -10.17 11.56
N LEU A 473 12.64 -9.90 12.49
CA LEU A 473 11.90 -8.64 12.52
C LEU A 473 12.27 -7.79 13.73
N SER A 474 12.55 -6.50 13.49
CA SER A 474 12.88 -5.54 14.53
C SER A 474 12.35 -4.15 14.20
N LEU A 475 12.05 -3.38 15.24
CA LEU A 475 11.59 -2.01 15.12
C LEU A 475 12.59 -1.12 15.83
N THR A 476 13.88 -1.51 15.73
CA THR A 476 15.01 -0.81 16.33
C THR A 476 15.11 0.62 15.77
N VAL A 477 15.27 1.58 16.71
CA VAL A 477 15.33 3.01 16.43
C VAL A 477 16.72 3.49 16.86
N ASP A 478 17.41 4.23 15.98
CA ASP A 478 18.70 4.81 16.29
C ASP A 478 18.50 5.90 17.34
N ALA A 479 19.30 5.86 18.42
CA ALA A 479 19.24 6.81 19.53
C ALA A 479 19.73 8.19 19.11
N ASP A 480 19.16 9.23 19.73
CA ASP A 480 19.56 10.61 19.53
C ASP A 480 20.55 10.92 20.68
N PRO A 481 21.84 11.16 20.35
CA PRO A 481 22.85 11.42 21.39
C PRO A 481 22.52 12.63 22.26
N GLN A 482 21.89 13.66 21.65
CA GLN A 482 21.48 14.93 22.25
C GLN A 482 20.12 14.88 23.00
N ALA A 483 19.60 13.68 23.34
CA ALA A 483 18.33 13.54 24.04
C ALA A 483 18.57 13.31 25.54
N GLU A 484 18.08 14.22 26.40
CA GLU A 484 18.28 14.19 27.86
C GLU A 484 16.96 14.20 28.63
N ILE A 485 17.06 14.18 29.98
CA ILE A 485 15.96 14.36 30.92
C ILE A 485 16.21 15.75 31.50
N SER A 486 15.32 16.72 31.21
CA SER A 486 15.45 18.13 31.59
C SER A 486 15.11 18.44 33.04
N SER A 487 13.98 17.90 33.55
CA SER A 487 13.46 18.12 34.90
C SER A 487 12.90 16.84 35.50
N LYS A 488 12.89 16.79 36.83
CA LYS A 488 12.34 15.71 37.66
C LYS A 488 11.49 16.35 38.78
N GLU A 489 10.35 15.74 39.08
CA GLU A 489 9.42 16.19 40.11
C GLU A 489 8.68 14.97 40.67
N THR A 490 8.36 15.03 41.96
CA THR A 490 7.59 13.99 42.65
C THR A 490 6.17 14.52 42.80
N LEU A 491 5.21 13.81 42.22
CA LEU A 491 3.81 14.22 42.25
C LEU A 491 3.05 13.66 43.43
N ALA A 492 3.28 12.37 43.73
CA ALA A 492 2.65 11.61 44.81
C ALA A 492 3.62 10.51 45.23
N GLU A 493 3.23 9.73 46.27
CA GLU A 493 4.02 8.62 46.84
C GLU A 493 4.54 7.66 45.75
N ASN A 494 3.70 7.36 44.75
CA ASN A 494 4.14 6.48 43.69
C ASN A 494 4.01 7.11 42.27
N LEU A 495 4.16 8.45 42.18
CA LEU A 495 4.08 9.21 40.93
C LEU A 495 5.28 10.11 40.69
N THR A 496 5.98 9.87 39.57
CA THR A 496 7.16 10.67 39.20
C THR A 496 6.94 11.35 37.84
N SER A 497 7.43 12.58 37.71
CA SER A 497 7.29 13.30 36.46
C SER A 497 8.64 13.68 35.89
N LEU A 498 8.86 13.32 34.63
CA LEU A 498 10.08 13.65 33.92
C LEU A 498 9.70 14.50 32.72
N THR A 499 10.45 15.59 32.47
CA THR A 499 10.27 16.34 31.23
C THR A 499 11.53 16.09 30.43
N LEU A 500 11.37 15.91 29.12
CA LEU A 500 12.46 15.58 28.22
C LEU A 500 12.91 16.79 27.43
N SER A 501 14.15 16.74 26.91
CA SER A 501 14.79 17.81 26.12
C SER A 501 13.95 18.26 24.90
N ASN A 502 13.03 17.38 24.44
CA ASN A 502 12.14 17.60 23.30
C ASN A 502 10.79 18.20 23.73
N GLY A 503 10.63 18.38 25.05
CA GLY A 503 9.44 18.97 25.66
C GLY A 503 8.36 17.99 26.08
N ALA A 504 8.58 16.68 25.83
CA ALA A 504 7.60 15.66 26.20
C ALA A 504 7.58 15.41 27.70
N ARG A 505 6.42 15.01 28.23
CA ARG A 505 6.31 14.69 29.65
C ARG A 505 6.13 13.18 29.81
N VAL A 506 6.71 12.63 30.87
CA VAL A 506 6.67 11.20 31.22
C VAL A 506 6.17 11.08 32.67
N ILE A 507 5.09 10.33 32.88
CA ILE A 507 4.58 10.04 34.22
C ILE A 507 4.93 8.59 34.55
N LEU A 508 5.71 8.37 35.62
CA LEU A 508 6.08 7.01 36.04
C LEU A 508 5.37 6.58 37.32
N ALA A 509 4.86 5.34 37.31
CA ALA A 509 4.19 4.71 38.46
C ALA A 509 4.48 3.23 38.48
N LYS A 510 4.75 2.69 39.66
CA LYS A 510 5.00 1.27 39.86
C LYS A 510 3.70 0.63 40.35
N SER A 511 3.37 -0.58 39.87
CA SER A 511 2.17 -1.27 40.35
C SER A 511 2.56 -2.33 41.37
N ALA A 512 1.94 -2.31 42.56
CA ALA A 512 2.19 -3.30 43.62
C ALA A 512 1.68 -4.66 43.14
N GLY A 513 2.56 -5.66 43.25
CA GLY A 513 2.30 -7.02 42.78
C GLY A 513 3.13 -7.31 41.54
N GLU A 514 3.56 -8.58 41.40
CA GLU A 514 4.41 -9.01 40.29
C GLU A 514 3.60 -9.56 39.10
N GLU A 515 2.85 -8.64 38.42
CA GLU A 515 2.02 -8.93 37.25
C GLU A 515 2.84 -9.15 35.97
N GLN A 516 4.08 -8.58 35.95
CA GLN A 516 5.06 -8.67 34.86
C GLN A 516 4.62 -7.97 33.56
N LYS A 517 3.55 -7.15 33.63
CA LYS A 517 3.02 -6.41 32.48
C LYS A 517 3.38 -4.93 32.60
N LEU A 518 3.70 -4.32 31.47
CA LEU A 518 4.05 -2.90 31.38
C LEU A 518 3.06 -2.19 30.47
N GLN A 519 2.63 -0.99 30.86
CA GLN A 519 1.71 -0.20 30.06
C GLN A 519 2.30 1.18 29.79
N ILE A 520 2.31 1.57 28.50
CA ILE A 520 2.72 2.89 28.06
C ILE A 520 1.51 3.50 27.38
N ILE A 521 1.02 4.64 27.91
CA ILE A 521 -0.06 5.38 27.27
C ILE A 521 0.43 6.76 26.88
N ALA A 522 0.56 6.99 25.57
CA ALA A 522 0.93 8.30 25.02
C ALA A 522 -0.39 9.07 24.94
N VAL A 523 -0.43 10.19 25.65
CA VAL A 523 -1.60 11.07 25.78
C VAL A 523 -1.26 12.36 25.09
N SER A 524 -1.98 12.67 24.02
CA SER A 524 -1.82 13.91 23.27
C SER A 524 -2.92 14.88 23.70
N ASN A 525 -2.63 16.19 23.75
CA ASN A 525 -3.64 17.20 24.09
C ASN A 525 -4.42 17.68 22.83
N LYS A 526 -4.24 16.98 21.70
CA LYS A 526 -4.92 17.29 20.47
C LYS A 526 -5.93 16.18 20.17
N GLY A 527 -7.18 16.57 19.92
CA GLY A 527 -8.28 15.64 19.66
C GLY A 527 -8.97 15.91 18.35
N ASP A 528 -10.24 15.48 18.20
CA ASP A 528 -10.93 15.71 16.91
C ASP A 528 -11.54 17.13 16.81
N LEU A 529 -11.51 17.90 17.93
CA LEU A 529 -12.01 19.27 17.97
C LEU A 529 -10.96 20.30 17.51
N SER A 530 -9.80 19.81 17.01
CA SER A 530 -8.72 20.63 16.47
C SER A 530 -8.76 20.63 14.92
N PHE A 531 -9.89 20.21 14.33
CA PHE A 531 -10.03 20.08 12.88
C PHE A 531 -11.28 20.77 12.28
N PRO A 532 -11.24 21.18 10.98
CA PRO A 532 -12.42 21.81 10.32
C PRO A 532 -13.65 20.90 10.17
N ALA A 533 -14.83 21.49 9.93
CA ALA A 533 -16.14 20.82 9.80
C ALA A 533 -16.17 19.59 8.86
N GLN A 534 -15.33 19.58 7.83
CA GLN A 534 -15.26 18.50 6.84
C GLN A 534 -14.45 17.32 7.39
N GLN A 535 -13.56 17.61 8.37
CA GLN A 535 -12.64 16.63 8.94
C GLN A 535 -13.05 16.03 10.27
N LYS A 536 -13.60 16.82 11.23
CA LYS A 536 -13.95 16.37 12.59
C LYS A 536 -14.31 14.89 12.70
N SER A 537 -15.41 14.47 12.04
CA SER A 537 -15.98 13.13 12.02
C SER A 537 -15.07 12.04 11.47
N LEU A 538 -14.07 12.40 10.66
CA LEU A 538 -13.20 11.40 10.03
C LEU A 538 -11.87 11.13 10.78
N ILE A 539 -11.56 11.94 11.82
CA ILE A 539 -10.32 11.83 12.58
C ILE A 539 -10.21 10.50 13.31
N ALA A 540 -11.28 10.06 13.98
CA ALA A 540 -11.31 8.77 14.69
C ALA A 540 -11.18 7.63 13.69
N LEU A 541 -11.84 7.78 12.52
CA LEU A 541 -11.76 6.81 11.44
C LEU A 541 -10.33 6.70 10.94
N ALA A 542 -9.68 7.85 10.64
CA ALA A 542 -8.32 7.96 10.18
C ALA A 542 -7.37 7.26 11.14
N ASN A 543 -7.53 7.53 12.44
CA ASN A 543 -6.70 6.94 13.48
C ASN A 543 -6.86 5.42 13.58
N LYS A 544 -8.11 4.89 13.46
CA LYS A 544 -8.32 3.43 13.49
C LYS A 544 -7.66 2.80 12.27
N ALA A 545 -7.80 3.45 11.11
CA ALA A 545 -7.19 3.02 9.86
C ALA A 545 -5.65 2.99 9.98
N VAL A 546 -5.02 4.08 10.50
CA VAL A 546 -3.58 4.14 10.65
C VAL A 546 -3.08 3.10 11.67
N SER A 547 -3.85 2.87 12.76
CA SER A 547 -3.44 1.90 13.79
C SER A 547 -3.68 0.43 13.40
N GLY A 548 -4.38 0.20 12.29
CA GLY A 548 -4.63 -1.15 11.77
C GLY A 548 -3.76 -1.43 10.57
N SER A 549 -2.67 -0.66 10.42
CA SER A 549 -1.75 -0.77 9.30
C SER A 549 -0.38 -1.12 9.83
N GLY A 550 0.60 -1.14 8.94
CA GLY A 550 1.98 -1.41 9.31
C GLY A 550 2.63 -0.22 10.01
N VAL A 551 3.87 -0.41 10.40
CA VAL A 551 4.66 0.61 11.10
C VAL A 551 6.11 0.40 10.73
N GLY A 552 6.84 1.48 10.47
CA GLY A 552 8.21 1.37 10.03
C GLY A 552 8.28 0.65 8.70
N GLU A 553 9.22 -0.31 8.56
CA GLU A 553 9.34 -1.09 7.32
C GLU A 553 8.52 -2.41 7.38
N LEU A 554 7.66 -2.56 8.42
CA LEU A 554 6.79 -3.71 8.64
C LEU A 554 5.41 -3.50 8.04
N SER A 555 4.86 -4.57 7.43
CA SER A 555 3.50 -4.61 6.89
C SER A 555 2.57 -4.93 8.07
N SER A 556 1.24 -4.86 7.87
CA SER A 556 0.27 -5.22 8.94
C SER A 556 0.49 -6.67 9.45
N SER A 557 0.82 -7.60 8.53
CA SER A 557 1.08 -9.02 8.78
C SER A 557 2.40 -9.26 9.52
N SER A 558 3.47 -8.54 9.13
CA SER A 558 4.78 -8.61 9.77
C SER A 558 4.71 -7.94 11.16
N LEU A 559 3.83 -6.93 11.32
CA LEU A 559 3.60 -6.25 12.59
C LEU A 559 2.91 -7.20 13.56
N LYS A 560 1.97 -8.04 13.06
CA LYS A 560 1.25 -9.01 13.88
C LYS A 560 2.21 -10.06 14.40
N ARG A 561 3.10 -10.58 13.53
CA ARG A 561 4.11 -11.58 13.89
C ARG A 561 5.10 -11.02 14.93
N TRP A 562 5.66 -9.80 14.69
CA TRP A 562 6.58 -9.11 15.59
C TRP A 562 5.91 -8.89 16.96
N SER A 563 4.63 -8.46 16.96
CA SER A 563 3.84 -8.21 18.17
C SER A 563 3.70 -9.46 19.02
N ALA A 564 3.38 -10.61 18.39
CA ALA A 564 3.26 -11.89 19.06
C ALA A 564 4.62 -12.38 19.57
N GLU A 565 5.69 -12.31 18.72
CA GLU A 565 7.05 -12.74 19.08
C GLU A 565 7.62 -11.92 20.23
N ASN A 566 7.26 -10.63 20.28
CA ASN A 566 7.77 -9.74 21.31
C ASN A 566 6.75 -9.45 22.42
N SER A 567 5.63 -10.22 22.45
CA SER A 567 4.55 -10.19 23.45
C SER A 567 4.04 -8.75 23.75
N VAL A 568 3.58 -8.07 22.68
CA VAL A 568 3.08 -6.70 22.76
C VAL A 568 1.68 -6.52 22.12
N THR A 569 0.90 -5.56 22.62
CA THR A 569 -0.43 -5.18 22.10
C THR A 569 -0.51 -3.65 22.01
N MET A 570 -1.30 -3.16 21.04
CA MET A 570 -1.49 -1.74 20.78
C MET A 570 -2.94 -1.42 20.46
N SER A 571 -3.40 -0.26 20.92
CA SER A 571 -4.73 0.28 20.68
C SER A 571 -4.63 1.81 20.73
N SER A 572 -5.58 2.51 20.12
CA SER A 572 -5.62 3.96 20.13
C SER A 572 -7.06 4.44 20.16
N LYS A 573 -7.30 5.67 20.61
CA LYS A 573 -8.64 6.24 20.69
C LYS A 573 -8.55 7.75 20.49
N VAL A 574 -9.45 8.29 19.67
CA VAL A 574 -9.56 9.72 19.39
C VAL A 574 -10.77 10.24 20.15
N SER A 575 -10.50 11.17 21.05
CA SER A 575 -11.46 11.86 21.88
C SER A 575 -11.59 13.28 21.27
N GLY A 576 -12.44 14.13 21.83
CA GLY A 576 -12.63 15.50 21.36
C GLY A 576 -11.43 16.39 21.62
N MET A 577 -10.83 16.25 22.81
CA MET A 577 -9.69 17.09 23.20
C MET A 577 -8.38 16.34 23.32
N ASN A 578 -8.39 15.01 23.10
CA ASN A 578 -7.18 14.20 23.28
C ASN A 578 -7.13 13.00 22.34
N THR A 579 -5.95 12.37 22.30
CA THR A 579 -5.73 11.14 21.56
C THR A 579 -4.88 10.28 22.47
N LEU A 580 -5.29 9.03 22.64
CA LEU A 580 -4.58 8.09 23.47
C LEU A 580 -3.96 7.02 22.60
N LEU A 581 -2.75 6.63 22.92
CA LEU A 581 -2.06 5.58 22.22
C LEU A 581 -1.57 4.64 23.30
N SER A 582 -2.25 3.48 23.41
CA SER A 582 -1.95 2.48 24.43
C SER A 582 -1.14 1.32 23.89
N VAL A 583 -0.02 1.03 24.56
CA VAL A 583 0.88 -0.06 24.22
C VAL A 583 1.21 -0.86 25.50
N SER A 584 1.00 -2.20 25.46
CA SER A 584 1.27 -3.15 26.55
C SER A 584 2.48 -4.01 26.20
N ALA A 585 3.23 -4.46 27.22
CA ALA A 585 4.42 -5.31 27.05
C ALA A 585 4.76 -6.08 28.34
N ARG A 586 5.91 -6.74 28.36
CA ARG A 586 6.41 -7.49 29.51
C ARG A 586 7.54 -6.69 30.17
N THR A 587 7.65 -6.76 31.50
CA THR A 587 8.70 -6.06 32.25
C THR A 587 10.10 -6.69 32.00
N ASN A 588 10.14 -7.96 31.54
CA ASN A 588 11.35 -8.73 31.17
C ASN A 588 11.80 -8.41 29.74
N ASN A 589 10.89 -7.86 28.90
CA ASN A 589 11.15 -7.44 27.53
C ASN A 589 10.41 -6.10 27.27
N PRO A 590 10.87 -4.99 27.89
CA PRO A 590 10.15 -3.71 27.72
C PRO A 590 10.46 -2.95 26.43
N GLU A 591 11.72 -3.02 25.95
CA GLU A 591 12.21 -2.38 24.71
C GLU A 591 11.18 -2.45 23.54
N PRO A 592 10.58 -3.62 23.17
CA PRO A 592 9.57 -3.63 22.09
C PRO A 592 8.35 -2.70 22.29
N GLY A 593 7.91 -2.55 23.54
CA GLY A 593 6.82 -1.64 23.91
C GLY A 593 7.14 -0.22 23.54
N PHE A 594 8.36 0.23 23.87
CA PHE A 594 8.88 1.58 23.56
C PHE A 594 9.09 1.75 22.03
N GLN A 595 9.61 0.71 21.36
CA GLN A 595 9.85 0.72 19.91
C GLN A 595 8.54 0.92 19.14
N LEU A 596 7.46 0.27 19.59
CA LEU A 596 6.17 0.36 18.92
C LEU A 596 5.52 1.71 19.12
N ILE A 597 5.60 2.29 20.33
CA ILE A 597 5.09 3.64 20.63
C ILE A 597 5.77 4.66 19.68
N ASN A 598 7.12 4.58 19.59
CA ASN A 598 7.95 5.43 18.77
C ASN A 598 7.62 5.31 17.31
N GLN A 599 7.58 4.07 16.80
CA GLN A 599 7.35 3.82 15.39
C GLN A 599 5.93 4.14 14.97
N ARG A 600 4.94 4.06 15.90
CA ARG A 600 3.57 4.42 15.57
C ARG A 600 3.44 5.93 15.40
N ILE A 601 4.30 6.69 16.09
CA ILE A 601 4.35 8.15 16.08
C ILE A 601 5.18 8.69 14.90
N THR A 602 6.40 8.17 14.72
CA THR A 602 7.37 8.62 13.71
C THR A 602 7.28 7.95 12.34
N HIS A 603 6.81 6.70 12.28
CA HIS A 603 6.72 5.95 11.02
C HIS A 603 5.37 5.28 10.79
N SER A 604 4.29 6.07 10.88
CA SER A 604 2.94 5.58 10.66
C SER A 604 2.61 5.45 9.18
N THR A 605 1.86 4.40 8.84
CA THR A 605 1.43 4.12 7.47
C THR A 605 -0.07 3.89 7.45
N ILE A 606 -0.67 3.91 6.26
CA ILE A 606 -2.09 3.66 6.08
C ILE A 606 -2.34 2.57 5.03
N ASN A 607 -3.12 1.55 5.42
CA ASN A 607 -3.56 0.51 4.51
C ASN A 607 -4.76 1.14 3.78
N ASP A 608 -4.72 1.12 2.45
CA ASP A 608 -5.76 1.71 1.59
C ASP A 608 -7.08 0.96 1.64
N ASN A 609 -7.04 -0.38 1.77
CA ASN A 609 -8.23 -1.23 1.85
C ASN A 609 -9.05 -0.98 3.12
N ILE A 610 -8.37 -0.81 4.28
CA ILE A 610 -9.04 -0.54 5.57
C ILE A 610 -9.72 0.86 5.51
N TRP A 611 -9.09 1.85 4.84
CA TRP A 611 -9.65 3.19 4.71
C TRP A 611 -10.84 3.22 3.75
N ALA A 612 -10.79 2.41 2.68
CA ALA A 612 -11.86 2.32 1.68
C ALA A 612 -13.13 1.74 2.33
N SER A 613 -12.95 0.71 3.19
CA SER A 613 -14.00 0.06 3.96
C SER A 613 -14.65 1.05 4.93
N LEU A 614 -13.83 1.80 5.69
CA LEU A 614 -14.33 2.85 6.60
C LEU A 614 -15.07 3.97 5.86
N GLN A 615 -14.66 4.29 4.61
CA GLN A 615 -15.30 5.29 3.76
C GLN A 615 -16.67 4.80 3.29
N ASN A 616 -16.66 3.59 2.68
CA ASN A 616 -17.84 2.92 2.16
C ASN A 616 -18.88 2.66 3.24
N ALA A 617 -18.43 2.22 4.46
CA ALA A 617 -19.31 1.97 5.60
C ALA A 617 -19.99 3.27 6.06
N GLN A 618 -19.22 4.38 6.04
CA GLN A 618 -19.68 5.70 6.43
C GLN A 618 -20.73 6.24 5.43
N ILE A 619 -20.53 5.96 4.13
CA ILE A 619 -21.43 6.38 3.04
C ILE A 619 -22.75 5.60 3.13
N GLN A 620 -22.65 4.26 3.28
CA GLN A 620 -23.78 3.34 3.46
C GLN A 620 -24.61 3.83 4.65
N ALA A 621 -23.96 4.05 5.82
CA ALA A 621 -24.62 4.51 7.04
C ALA A 621 -25.42 5.79 6.80
N LEU A 622 -24.86 6.75 6.05
CA LEU A 622 -25.56 7.98 5.72
C LEU A 622 -26.75 7.69 4.81
N LYS A 623 -26.55 6.85 3.80
CA LYS A 623 -27.58 6.45 2.84
C LYS A 623 -28.83 5.84 3.50
N THR A 624 -28.64 4.97 4.52
CA THR A 624 -29.73 4.23 5.15
C THR A 624 -30.11 4.75 6.56
N LEU A 625 -29.91 6.06 6.83
CA LEU A 625 -30.20 6.67 8.12
C LEU A 625 -31.72 6.69 8.49
N ASP A 626 -32.63 6.75 7.50
CA ASP A 626 -34.08 6.75 7.71
C ASP A 626 -34.58 5.42 8.28
N GLN A 627 -33.76 4.38 8.14
CA GLN A 627 -33.98 3.03 8.68
C GLN A 627 -33.63 3.02 10.19
N ARG A 628 -32.91 4.05 10.70
CA ARG A 628 -32.48 4.16 12.11
C ARG A 628 -33.07 5.44 12.75
N PRO A 629 -34.39 5.47 13.09
CA PRO A 629 -35.00 6.71 13.60
C PRO A 629 -34.37 7.32 14.85
N ALA A 630 -34.05 6.50 15.88
CA ALA A 630 -33.45 6.96 17.14
C ALA A 630 -32.14 7.69 16.88
N GLU A 631 -31.23 7.08 16.07
CA GLU A 631 -29.92 7.62 15.65
C GLU A 631 -30.11 8.96 14.92
N LYS A 632 -31.06 8.98 13.96
CA LYS A 632 -31.44 10.15 13.15
C LYS A 632 -31.90 11.29 14.08
N PHE A 633 -32.72 10.97 15.08
CA PHE A 633 -33.26 11.94 16.03
C PHE A 633 -32.20 12.45 17.04
N ALA A 634 -31.32 11.54 17.53
CA ALA A 634 -30.21 11.83 18.43
C ALA A 634 -29.23 12.77 17.72
N GLN A 635 -29.10 12.64 16.39
CA GLN A 635 -28.24 13.48 15.54
C GLN A 635 -28.89 14.86 15.40
N GLN A 636 -30.23 14.90 15.26
CA GLN A 636 -30.98 16.16 15.12
C GLN A 636 -30.87 16.94 16.42
N MET A 637 -30.90 16.24 17.56
CA MET A 637 -30.76 16.84 18.87
C MET A 637 -29.37 17.40 19.13
N TYR A 638 -28.33 16.68 18.65
CA TYR A 638 -26.92 17.04 18.74
C TYR A 638 -26.74 18.40 18.07
N GLU A 639 -27.33 18.56 16.86
CA GLU A 639 -27.36 19.77 16.06
C GLU A 639 -28.28 20.85 16.67
N THR A 640 -29.13 20.49 17.64
CA THR A 640 -30.07 21.40 18.29
C THR A 640 -29.39 22.08 19.50
N ARG A 641 -28.73 21.27 20.35
CA ARG A 641 -27.95 21.68 21.53
C ARG A 641 -26.78 22.62 21.17
N TYR A 642 -26.20 22.45 19.96
CA TYR A 642 -25.07 23.26 19.51
C TYR A 642 -25.41 24.07 18.26
N ALA A 643 -24.65 25.14 18.05
CA ALA A 643 -24.74 26.02 16.90
C ALA A 643 -23.32 26.01 16.31
N ASP A 644 -22.94 24.86 15.76
CA ASP A 644 -21.60 24.60 15.21
C ASP A 644 -21.71 23.80 13.92
N ASP A 645 -20.99 24.22 12.87
CA ASP A 645 -20.98 23.54 11.57
C ASP A 645 -20.47 22.11 11.69
N ARG A 646 -19.59 21.86 12.68
CA ARG A 646 -18.96 20.57 12.95
C ARG A 646 -19.90 19.42 13.37
N THR A 647 -21.11 19.76 13.87
CA THR A 647 -22.10 18.77 14.32
C THR A 647 -22.77 18.07 13.15
N LYS A 648 -22.80 18.73 11.97
CA LYS A 648 -23.41 18.24 10.72
C LYS A 648 -22.77 16.95 10.21
N LEU A 649 -23.61 16.11 9.59
CA LEU A 649 -23.17 14.86 8.99
C LEU A 649 -22.54 15.19 7.66
N LEU A 650 -21.43 14.51 7.37
CA LEU A 650 -20.75 14.69 6.09
C LEU A 650 -21.51 14.00 4.97
N GLN A 651 -21.55 14.63 3.80
CA GLN A 651 -22.20 14.09 2.62
C GLN A 651 -21.24 13.15 1.93
N GLU A 652 -21.75 12.29 1.03
CA GLU A 652 -20.98 11.30 0.27
C GLU A 652 -19.69 11.89 -0.36
N ASN A 653 -19.78 13.05 -1.05
CA ASN A 653 -18.63 13.70 -1.68
C ASN A 653 -17.48 13.99 -0.69
N GLN A 654 -17.84 14.48 0.51
CA GLN A 654 -16.94 14.84 1.62
C GLN A 654 -16.19 13.62 2.16
N ILE A 655 -16.84 12.46 2.16
CA ILE A 655 -16.24 11.20 2.60
C ILE A 655 -15.24 10.72 1.55
N ALA A 656 -15.64 10.73 0.27
CA ALA A 656 -14.81 10.32 -0.87
C ALA A 656 -13.59 11.24 -1.04
N GLN A 657 -13.76 12.58 -0.88
CA GLN A 657 -12.66 13.54 -1.03
C GLN A 657 -11.56 13.36 0.03
N PHE A 658 -11.87 12.73 1.17
CA PHE A 658 -10.85 12.49 2.19
C PHE A 658 -10.12 11.19 1.86
N THR A 659 -8.92 11.33 1.28
CA THR A 659 -8.13 10.19 0.82
C THR A 659 -7.32 9.57 1.94
N ALA A 660 -6.75 8.39 1.67
CA ALA A 660 -5.89 7.63 2.56
C ALA A 660 -4.68 8.50 2.98
N ALA A 661 -4.14 9.29 2.04
CA ALA A 661 -3.01 10.21 2.25
C ALA A 661 -3.44 11.45 3.06
N ASP A 662 -4.70 11.92 2.91
CA ASP A 662 -5.26 13.04 3.69
C ASP A 662 -5.45 12.53 5.13
N ALA A 663 -5.94 11.28 5.26
CA ALA A 663 -6.20 10.60 6.51
C ALA A 663 -4.91 10.28 7.27
N LEU A 664 -3.84 9.91 6.55
CA LEU A 664 -2.54 9.62 7.17
C LEU A 664 -1.92 10.93 7.66
N ALA A 665 -2.10 12.00 6.90
CA ALA A 665 -1.57 13.33 7.24
C ALA A 665 -2.26 13.90 8.49
N ALA A 666 -3.60 13.72 8.62
CA ALA A 666 -4.36 14.20 9.77
C ALA A 666 -3.94 13.45 11.04
N ASP A 667 -3.89 12.10 11.00
CA ASP A 667 -3.47 11.29 12.13
C ASP A 667 -2.07 11.70 12.63
N ARG A 668 -1.15 12.03 11.70
CA ARG A 668 0.22 12.44 12.01
C ARG A 668 0.29 13.73 12.79
N GLN A 669 -0.73 14.58 12.65
CA GLN A 669 -0.82 15.89 13.28
C GLN A 669 -1.16 15.84 14.76
N LEU A 670 -1.64 14.69 15.24
CA LEU A 670 -2.06 14.53 16.64
C LEU A 670 -0.86 14.41 17.57
N PHE A 671 0.10 13.55 17.22
CA PHE A 671 1.35 13.37 17.97
C PHE A 671 2.54 14.08 17.28
N SER A 672 2.23 15.14 16.48
CA SER A 672 3.21 15.92 15.71
C SER A 672 4.15 16.74 16.58
N SER A 673 3.64 17.28 17.68
CA SER A 673 4.38 18.10 18.62
C SER A 673 4.68 17.33 19.95
N PRO A 674 5.97 16.93 20.20
CA PRO A 674 6.30 16.22 21.45
C PRO A 674 5.89 16.95 22.72
N ALA A 675 5.93 18.30 22.72
CA ALA A 675 5.51 19.18 23.84
C ALA A 675 4.03 18.97 24.23
N ASP A 676 3.20 18.47 23.31
CA ASP A 676 1.78 18.20 23.53
C ASP A 676 1.54 16.76 24.09
N ILE A 677 2.62 15.97 24.24
CA ILE A 677 2.49 14.59 24.65
C ILE A 677 2.91 14.35 26.09
N THR A 678 2.11 13.53 26.79
CA THR A 678 2.36 13.02 28.13
C THR A 678 2.33 11.48 28.06
N PHE A 679 3.49 10.84 28.28
CA PHE A 679 3.61 9.38 28.27
C PHE A 679 3.41 8.86 29.67
N VAL A 680 2.38 8.04 29.87
CA VAL A 680 2.08 7.41 31.17
C VAL A 680 2.64 5.97 31.16
N ILE A 681 3.71 5.73 31.92
CA ILE A 681 4.36 4.41 32.00
C ILE A 681 4.07 3.77 33.35
N VAL A 682 3.31 2.66 33.35
CA VAL A 682 2.89 1.94 34.56
C VAL A 682 3.39 0.48 34.55
N GLY A 683 4.15 0.13 35.58
CA GLY A 683 4.73 -1.20 35.74
C GLY A 683 5.97 -1.25 36.60
N ASN A 684 6.58 -2.45 36.71
CA ASN A 684 7.79 -2.68 37.54
C ASN A 684 9.06 -2.96 36.71
N VAL A 685 9.78 -1.90 36.30
CA VAL A 685 11.03 -1.99 35.53
C VAL A 685 12.11 -1.18 36.30
N ALA A 686 13.38 -1.67 36.31
CA ALA A 686 14.53 -1.02 36.95
C ALA A 686 14.71 0.34 36.29
N GLU A 687 14.41 1.42 37.04
CA GLU A 687 14.40 2.81 36.58
C GLU A 687 15.60 3.24 35.72
N ASP A 688 16.80 2.67 35.97
CA ASP A 688 18.01 2.99 35.19
C ASP A 688 17.92 2.42 33.77
N LYS A 689 17.26 1.25 33.60
CA LYS A 689 17.03 0.62 32.29
C LYS A 689 15.83 1.32 31.63
N LEU A 690 14.87 1.78 32.45
CA LEU A 690 13.67 2.49 32.05
C LEU A 690 13.97 3.89 31.50
N VAL A 691 14.88 4.66 32.15
CA VAL A 691 15.29 6.01 31.71
C VAL A 691 16.09 5.96 30.40
N ALA A 692 16.86 4.87 30.20
CA ALA A 692 17.64 4.64 28.99
C ALA A 692 16.70 4.46 27.78
N LEU A 693 15.54 3.79 27.99
CA LEU A 693 14.50 3.54 26.98
C LEU A 693 13.65 4.80 26.71
N ILE A 694 13.42 5.61 27.74
CA ILE A 694 12.65 6.86 27.67
C ILE A 694 13.42 7.86 26.82
N THR A 695 14.74 8.00 27.02
CA THR A 695 15.53 8.94 26.24
C THR A 695 15.71 8.42 24.81
N ARG A 696 16.05 7.14 24.66
CA ARG A 696 16.23 6.51 23.34
C ARG A 696 14.94 6.47 22.49
N TYR A 697 13.75 6.24 23.11
CA TYR A 697 12.51 6.10 22.33
C TYR A 697 11.49 7.26 22.46
N LEU A 698 11.44 7.95 23.59
CA LEU A 698 10.48 9.05 23.79
C LEU A 698 11.14 10.44 23.72
N GLY A 699 12.45 10.49 23.99
CA GLY A 699 13.25 11.71 23.95
C GLY A 699 13.80 12.01 22.58
N SER A 700 13.74 11.02 21.70
CA SER A 700 14.21 11.03 20.32
C SER A 700 13.21 11.64 19.34
N ILE A 701 11.89 11.62 19.68
CA ILE A 701 10.81 12.12 18.84
C ILE A 701 10.98 13.63 18.64
N LYS A 702 10.97 14.05 17.36
CA LYS A 702 11.19 15.42 16.93
C LYS A 702 9.87 16.12 16.59
N HIS A 703 9.89 17.46 16.70
CA HIS A 703 8.78 18.31 16.32
C HIS A 703 8.52 18.19 14.81
N SER A 704 7.24 18.08 14.47
CA SER A 704 6.73 17.99 13.11
C SER A 704 5.81 19.21 12.95
N ASP A 705 5.98 19.97 11.84
CA ASP A 705 5.16 21.17 11.58
C ASP A 705 3.71 20.81 11.32
N SER A 706 2.81 21.41 12.13
CA SER A 706 1.37 21.18 12.06
C SER A 706 0.62 22.48 12.42
N PRO A 707 -0.42 22.86 11.65
CA PRO A 707 -1.16 24.10 11.96
C PRO A 707 -2.15 23.98 13.12
N LEU A 708 -2.34 22.75 13.68
CA LEU A 708 -3.27 22.43 14.77
C LEU A 708 -3.13 23.31 15.99
N ALA A 709 -4.19 24.08 16.29
CA ALA A 709 -4.24 24.90 17.50
C ALA A 709 -4.94 24.05 18.57
N ALA A 710 -4.98 24.50 19.84
CA ALA A 710 -5.69 23.75 20.89
C ALA A 710 -7.17 23.65 20.48
N GLY A 711 -7.78 22.50 20.76
CA GLY A 711 -9.17 22.22 20.44
C GLY A 711 -10.14 23.31 20.85
N LYS A 712 -11.09 23.61 19.96
CA LYS A 712 -12.15 24.57 20.21
C LYS A 712 -13.37 23.72 20.60
N PRO A 713 -13.96 23.91 21.81
CA PRO A 713 -15.15 23.12 22.15
C PRO A 713 -16.28 23.55 21.24
N LEU A 714 -17.29 22.68 21.04
CA LEU A 714 -18.44 23.01 20.21
C LEU A 714 -19.14 24.26 20.76
N THR A 715 -19.56 25.16 19.87
CA THR A 715 -20.29 26.38 20.22
C THR A 715 -21.67 25.91 20.66
N ARG A 716 -22.04 26.21 21.91
CA ARG A 716 -23.34 25.83 22.44
C ARG A 716 -24.41 26.77 21.92
N ALA A 717 -25.63 26.25 21.64
CA ALA A 717 -26.78 27.04 21.16
C ALA A 717 -27.19 28.01 22.28
N THR A 718 -27.30 29.28 21.92
CA THR A 718 -27.64 30.38 22.83
C THR A 718 -29.13 30.36 23.21
N ASP A 719 -30.00 29.78 22.37
CA ASP A 719 -31.43 29.71 22.65
C ASP A 719 -31.90 28.29 22.90
N ASN A 720 -32.90 28.16 23.78
CA ASN A 720 -33.57 26.91 24.14
C ASN A 720 -34.37 26.40 22.97
N ALA A 721 -34.61 25.08 22.93
CA ALA A 721 -35.42 24.46 21.89
C ALA A 721 -36.23 23.30 22.45
N SER A 722 -37.48 23.18 22.03
CA SER A 722 -38.40 22.12 22.44
C SER A 722 -38.95 21.53 21.17
N VAL A 723 -38.22 20.54 20.64
CA VAL A 723 -38.50 19.87 19.37
C VAL A 723 -39.34 18.61 19.56
N THR A 724 -40.25 18.36 18.61
CA THR A 724 -41.10 17.16 18.52
C THR A 724 -40.98 16.63 17.11
N VAL A 725 -40.61 15.35 16.99
CA VAL A 725 -40.43 14.68 15.69
C VAL A 725 -41.36 13.46 15.65
N LYS A 726 -42.26 13.40 14.66
CA LYS A 726 -43.14 12.26 14.44
C LYS A 726 -42.50 11.45 13.31
N GLU A 727 -41.52 10.61 13.65
CA GLU A 727 -40.79 9.79 12.69
C GLU A 727 -40.94 8.29 12.95
N GLN A 728 -41.01 7.89 14.24
CA GLN A 728 -41.15 6.48 14.63
C GLN A 728 -42.34 5.76 14.01
N ASN A 729 -42.15 4.47 13.72
CA ASN A 729 -43.20 3.57 13.26
C ASN A 729 -43.07 2.40 14.25
N GLU A 730 -43.06 2.82 15.53
CA GLU A 730 -42.91 2.05 16.76
C GLU A 730 -43.79 2.80 17.78
N PRO A 731 -44.59 2.10 18.63
CA PRO A 731 -45.45 2.83 19.58
C PRO A 731 -44.75 3.20 20.88
N VAL A 732 -43.48 3.65 20.75
CA VAL A 732 -42.65 4.08 21.87
C VAL A 732 -42.27 5.54 21.67
N ALA A 733 -42.63 6.36 22.67
CA ALA A 733 -42.25 7.78 22.70
C ALA A 733 -40.89 7.83 23.40
N GLN A 734 -39.92 8.50 22.79
CA GLN A 734 -38.58 8.67 23.35
C GLN A 734 -38.42 10.16 23.69
N VAL A 735 -38.23 10.49 24.97
CA VAL A 735 -38.07 11.86 25.47
C VAL A 735 -36.65 12.12 26.00
N SER A 736 -36.03 13.20 25.53
CA SER A 736 -34.70 13.63 25.99
C SER A 736 -34.73 15.10 26.43
N GLN A 737 -34.21 15.39 27.64
CA GLN A 737 -34.12 16.74 28.15
C GLN A 737 -32.71 17.01 28.66
N TRP A 738 -32.07 18.02 28.08
CA TRP A 738 -30.73 18.47 28.45
C TRP A 738 -30.83 19.81 29.13
N LYS A 739 -30.19 19.91 30.27
CA LYS A 739 -30.11 21.14 31.05
C LYS A 739 -28.63 21.46 31.11
N ARG A 740 -28.27 22.68 30.71
CA ARG A 740 -26.88 23.16 30.67
C ARG A 740 -26.65 24.19 31.75
N TYR A 741 -25.57 24.00 32.49
CA TYR A 741 -25.19 24.85 33.62
C TYR A 741 -23.78 25.38 33.40
N ASP A 742 -23.55 26.69 33.58
CA ASP A 742 -22.20 27.26 33.44
C ASP A 742 -21.45 27.06 34.76
N SER A 743 -20.14 26.79 34.69
CA SER A 743 -19.29 26.61 35.88
C SER A 743 -18.51 27.89 36.04
N ARG A 744 -18.83 28.67 37.08
CA ARG A 744 -18.12 29.93 37.34
C ARG A 744 -16.63 29.60 37.57
N THR A 745 -16.36 28.64 38.47
CA THR A 745 -15.06 28.07 38.84
C THR A 745 -14.96 26.64 38.25
N PRO A 746 -13.75 26.13 37.90
CA PRO A 746 -13.68 24.76 37.32
C PRO A 746 -14.08 23.64 38.28
N VAL A 747 -14.68 22.57 37.74
CA VAL A 747 -15.10 21.44 38.55
C VAL A 747 -13.87 20.60 38.91
N ASN A 748 -13.45 20.70 40.18
CA ASN A 748 -12.34 19.92 40.71
C ASN A 748 -12.86 18.58 41.23
N LEU A 749 -11.92 17.67 41.64
CA LEU A 749 -12.24 16.32 42.15
C LEU A 749 -13.28 16.32 43.31
N PRO A 750 -13.23 17.21 44.35
CA PRO A 750 -14.30 17.17 45.40
C PRO A 750 -15.69 17.47 44.87
N THR A 751 -15.84 18.50 44.00
CA THR A 751 -17.13 18.89 43.43
C THR A 751 -17.70 17.82 42.52
N ARG A 752 -16.87 17.13 41.74
CA ARG A 752 -17.37 16.08 40.86
C ARG A 752 -17.91 14.91 41.69
N MET A 753 -17.32 14.66 42.87
CA MET A 753 -17.76 13.61 43.80
C MET A 753 -19.11 13.97 44.43
N ALA A 754 -19.27 15.25 44.81
CA ALA A 754 -20.51 15.79 45.37
C ALA A 754 -21.65 15.68 44.33
N LEU A 755 -21.44 16.24 43.10
CA LEU A 755 -22.38 16.20 41.98
C LEU A 755 -22.74 14.76 41.59
N ASP A 756 -21.75 13.84 41.59
CA ASP A 756 -22.00 12.44 41.28
C ASP A 756 -22.82 11.76 42.39
N ALA A 757 -22.55 12.11 43.68
CA ALA A 757 -23.30 11.55 44.81
C ALA A 757 -24.77 11.98 44.71
N PHE A 758 -24.99 13.27 44.41
CA PHE A 758 -26.32 13.83 44.20
C PHE A 758 -27.04 13.12 43.06
N ASN A 759 -26.35 12.91 41.90
CA ASN A 759 -26.96 12.26 40.73
C ASN A 759 -27.34 10.81 40.98
N VAL A 760 -26.61 10.10 41.87
CA VAL A 760 -26.94 8.72 42.24
C VAL A 760 -28.31 8.74 42.96
N ALA A 761 -28.49 9.72 43.85
CA ALA A 761 -29.72 9.96 44.62
C ALA A 761 -30.85 10.40 43.71
N LEU A 762 -30.54 11.29 42.75
CA LEU A 762 -31.48 11.84 41.77
C LEU A 762 -32.01 10.74 40.87
N ALA A 763 -31.11 9.88 40.33
CA ALA A 763 -31.46 8.76 39.46
C ALA A 763 -32.34 7.74 40.19
N LYS A 764 -32.20 7.66 41.54
CA LYS A 764 -33.00 6.77 42.38
C LYS A 764 -34.47 7.24 42.39
N ASP A 765 -34.70 8.52 42.80
CA ASP A 765 -36.04 9.15 42.84
C ASP A 765 -36.75 9.07 41.50
N LEU A 766 -35.99 9.17 40.39
CA LEU A 766 -36.54 9.08 39.04
C LEU A 766 -36.98 7.65 38.69
N ARG A 767 -36.21 6.64 39.13
CA ARG A 767 -36.54 5.22 38.90
C ARG A 767 -37.82 4.83 39.66
N VAL A 768 -37.92 5.23 40.94
CA VAL A 768 -39.08 4.92 41.80
C VAL A 768 -40.36 5.68 41.36
N ASN A 769 -40.23 6.95 40.96
CA ASN A 769 -41.35 7.83 40.59
C ASN A 769 -41.78 7.78 39.13
N ILE A 770 -40.86 7.52 38.18
CA ILE A 770 -41.22 7.56 36.76
C ILE A 770 -41.41 6.16 36.18
N ARG A 771 -40.54 5.20 36.54
CA ARG A 771 -40.62 3.84 36.02
C ARG A 771 -41.54 2.94 36.87
N GLU A 772 -41.24 2.79 38.17
CA GLU A 772 -41.99 1.93 39.10
C GLU A 772 -43.46 2.37 39.32
N GLN A 773 -43.77 3.66 39.12
CA GLN A 773 -45.14 4.18 39.23
C GLN A 773 -45.97 3.61 38.08
N ALA A 774 -47.17 3.07 38.42
CA ALA A 774 -48.13 2.42 37.50
C ALA A 774 -48.40 3.22 36.22
N SER A 775 -48.35 2.51 35.06
CA SER A 775 -48.51 3.04 33.70
C SER A 775 -47.48 4.17 33.45
N GLY A 776 -46.26 3.94 33.91
CA GLY A 776 -45.17 4.91 33.77
C GLY A 776 -44.31 4.68 32.56
N ALA A 777 -43.03 5.05 32.69
CA ALA A 777 -42.04 4.91 31.62
C ALA A 777 -41.51 3.47 31.59
N TYR A 778 -41.06 3.04 30.41
CA TYR A 778 -40.49 1.72 30.17
C TYR A 778 -39.04 1.71 30.67
N SER A 779 -38.37 2.86 30.55
CA SER A 779 -36.99 3.06 30.99
C SER A 779 -36.79 4.53 31.38
N VAL A 780 -35.78 4.79 32.21
CA VAL A 780 -35.43 6.14 32.64
C VAL A 780 -33.93 6.23 32.86
N SER A 781 -33.37 7.42 32.59
CA SER A 781 -31.95 7.70 32.73
C SER A 781 -31.72 9.09 33.28
N SER A 782 -30.66 9.22 34.08
CA SER A 782 -30.22 10.47 34.69
C SER A 782 -28.71 10.46 34.65
N ARG A 783 -28.14 11.14 33.65
CA ARG A 783 -26.69 11.19 33.41
C ARG A 783 -26.19 12.62 33.56
N LEU A 784 -24.96 12.76 34.04
CA LEU A 784 -24.34 14.06 34.28
C LEU A 784 -22.95 14.13 33.63
N SER A 785 -22.78 15.04 32.67
CA SER A 785 -21.53 15.26 31.93
C SER A 785 -20.87 16.59 32.35
N VAL A 786 -19.53 16.60 32.48
CA VAL A 786 -18.79 17.85 32.81
C VAL A 786 -17.73 18.17 31.74
N ASP A 787 -17.82 19.37 31.10
CA ASP A 787 -16.86 19.83 30.09
C ASP A 787 -15.93 20.88 30.71
N PRO A 788 -14.69 20.49 31.10
CA PRO A 788 -13.77 21.46 31.73
C PRO A 788 -13.36 22.65 30.85
N GLN A 789 -13.08 22.41 29.56
CA GLN A 789 -12.67 23.46 28.62
C GLN A 789 -13.80 24.44 28.26
N ALA A 790 -15.04 23.93 28.15
CA ALA A 790 -16.21 24.75 27.85
C ALA A 790 -16.72 25.46 29.10
N LYS A 791 -16.28 24.96 30.29
CA LYS A 791 -16.63 25.46 31.63
C LYS A 791 -18.13 25.34 31.88
N ASP A 792 -18.69 24.17 31.53
CA ASP A 792 -20.10 23.89 31.74
C ASP A 792 -20.38 22.43 32.13
N ILE A 793 -21.53 22.21 32.78
CA ILE A 793 -22.05 20.92 33.20
C ILE A 793 -23.35 20.68 32.41
N SER A 794 -23.59 19.44 32.03
CA SER A 794 -24.80 19.07 31.32
C SER A 794 -25.52 17.95 32.07
N HIS A 795 -26.84 18.05 32.10
CA HIS A 795 -27.63 17.03 32.76
C HIS A 795 -28.62 16.52 31.79
N LEU A 796 -28.46 15.25 31.41
CA LEU A 796 -29.41 14.62 30.52
C LEU A 796 -30.38 13.78 31.32
N LEU A 797 -31.66 13.97 31.05
CA LEU A 797 -32.78 13.21 31.59
C LEU A 797 -33.43 12.50 30.39
N ALA A 798 -33.31 11.18 30.33
CA ALA A 798 -33.89 10.44 29.21
C ALA A 798 -34.93 9.41 29.67
N PHE A 799 -35.98 9.20 28.89
CA PHE A 799 -36.98 8.18 29.17
C PHE A 799 -37.75 7.79 27.93
N THR A 800 -38.27 6.56 27.93
CA THR A 800 -39.11 6.02 26.87
C THR A 800 -40.40 5.64 27.56
N CYS A 801 -41.53 5.99 26.96
CA CYS A 801 -42.85 5.75 27.57
C CYS A 801 -43.89 5.53 26.48
N GLN A 802 -45.15 5.39 26.90
CA GLN A 802 -46.31 5.28 26.03
C GLN A 802 -46.56 6.71 25.50
N PRO A 803 -46.83 6.90 24.19
CA PRO A 803 -46.99 8.27 23.64
C PRO A 803 -47.95 9.20 24.39
N GLU A 804 -49.11 8.67 24.84
CA GLU A 804 -50.16 9.39 25.56
C GLU A 804 -49.71 9.96 26.92
N ARG A 805 -48.56 9.47 27.43
CA ARG A 805 -48.01 9.84 28.73
C ARG A 805 -46.71 10.66 28.68
N HIS A 806 -46.22 11.04 27.47
CA HIS A 806 -44.95 11.77 27.31
C HIS A 806 -44.94 13.15 27.99
N ASP A 807 -46.03 13.92 27.90
CA ASP A 807 -46.11 15.25 28.51
C ASP A 807 -46.25 15.19 30.03
N GLU A 808 -47.07 14.25 30.55
CA GLU A 808 -47.33 14.05 31.98
C GLU A 808 -46.07 13.58 32.72
N LEU A 809 -45.33 12.61 32.14
CA LEU A 809 -44.13 12.06 32.77
C LEU A 809 -42.96 13.04 32.78
N LEU A 810 -42.85 13.90 31.76
CA LEU A 810 -41.80 14.93 31.75
C LEU A 810 -42.06 15.95 32.87
N THR A 811 -43.33 16.34 33.06
CA THR A 811 -43.78 17.26 34.10
C THR A 811 -43.45 16.67 35.50
N LEU A 812 -43.76 15.38 35.69
CA LEU A 812 -43.49 14.68 36.93
C LEU A 812 -41.98 14.50 37.16
N ALA A 813 -41.19 14.29 36.09
CA ALA A 813 -39.73 14.12 36.20
C ALA A 813 -39.05 15.42 36.60
N ASN A 814 -39.58 16.56 36.13
CA ASN A 814 -39.05 17.88 36.47
C ASN A 814 -39.39 18.23 37.88
N GLU A 815 -40.62 17.89 38.36
CA GLU A 815 -41.00 18.21 39.74
C GLU A 815 -40.24 17.34 40.74
N VAL A 816 -39.90 16.09 40.35
CA VAL A 816 -39.11 15.15 41.16
C VAL A 816 -37.69 15.72 41.31
N MET A 817 -37.18 16.32 40.22
CA MET A 817 -35.87 16.99 40.20
C MET A 817 -35.81 18.19 41.13
N VAL A 818 -36.85 19.04 41.13
CA VAL A 818 -36.97 20.24 41.98
C VAL A 818 -36.92 19.82 43.46
N LYS A 819 -37.73 18.79 43.82
CA LYS A 819 -37.85 18.23 45.16
C LYS A 819 -36.53 17.68 45.70
N ARG A 820 -35.80 16.92 44.87
CA ARG A 820 -34.49 16.33 45.21
C ARG A 820 -33.47 17.45 45.41
N LEU A 821 -33.49 18.46 44.53
CA LEU A 821 -32.61 19.62 44.55
C LEU A 821 -32.80 20.44 45.84
N ALA A 822 -34.06 20.59 46.29
CA ALA A 822 -34.38 21.31 47.53
C ALA A 822 -33.99 20.49 48.77
N LYS A 823 -34.36 19.19 48.79
CA LYS A 823 -34.11 18.22 49.86
C LYS A 823 -32.61 17.96 50.08
N GLY A 824 -31.89 17.76 48.98
CA GLY A 824 -30.48 17.46 48.98
C GLY A 824 -30.21 15.99 49.25
N ILE A 825 -29.00 15.69 49.77
CA ILE A 825 -28.61 14.33 50.09
C ILE A 825 -28.81 14.02 51.57
N SER A 826 -29.14 12.75 51.86
CA SER A 826 -29.33 12.24 53.21
C SER A 826 -28.00 11.63 53.69
N GLU A 827 -27.84 11.44 55.01
CA GLU A 827 -26.66 10.84 55.65
C GLU A 827 -26.45 9.40 55.13
N GLN A 828 -27.57 8.66 55.00
CA GLN A 828 -27.64 7.28 54.52
C GLN A 828 -27.19 7.18 53.05
N GLU A 829 -27.61 8.12 52.19
CA GLU A 829 -27.23 8.14 50.77
C GLU A 829 -25.74 8.47 50.58
N LEU A 830 -25.20 9.40 51.38
CA LEU A 830 -23.81 9.82 51.35
C LEU A 830 -22.87 8.69 51.78
N ASN A 831 -23.23 7.98 52.87
CA ASN A 831 -22.47 6.85 53.37
C ASN A 831 -22.51 5.68 52.38
N GLU A 832 -23.68 5.47 51.71
CA GLU A 832 -23.90 4.47 50.65
C GLU A 832 -22.86 4.71 49.55
N TYR A 833 -22.75 5.97 49.08
CA TYR A 833 -21.83 6.44 48.05
C TYR A 833 -20.38 6.30 48.52
N GLN A 834 -20.07 6.77 49.76
CA GLN A 834 -18.72 6.70 50.35
C GLN A 834 -18.19 5.27 50.41
N GLN A 835 -19.05 4.30 50.76
CA GLN A 835 -18.69 2.88 50.85
C GLN A 835 -18.45 2.31 49.45
N ASN A 836 -19.28 2.71 48.49
CA ASN A 836 -19.27 2.28 47.09
C ASN A 836 -17.97 2.69 46.39
N VAL A 837 -17.60 3.97 46.51
CA VAL A 837 -16.40 4.56 45.90
C VAL A 837 -15.13 4.01 46.55
N GLN A 838 -15.12 3.85 47.89
CA GLN A 838 -13.97 3.30 48.63
C GLN A 838 -13.57 1.91 48.13
N ARG A 839 -14.56 1.03 47.88
CA ARG A 839 -14.36 -0.32 47.33
C ARG A 839 -13.64 -0.27 45.98
N SER A 840 -14.10 0.63 45.08
CA SER A 840 -13.53 0.86 43.74
C SER A 840 -12.13 1.50 43.82
N LEU A 841 -11.88 2.29 44.87
CA LEU A 841 -10.61 2.99 45.12
C LEU A 841 -9.47 2.07 45.63
N ASP A 842 -9.83 0.88 46.15
CA ASP A 842 -8.88 -0.13 46.62
C ASP A 842 -8.51 -1.10 45.48
N ILE A 843 -9.37 -1.17 44.44
CA ILE A 843 -9.21 -2.01 43.26
C ILE A 843 -8.81 -1.14 42.02
N GLN A 844 -8.33 0.10 42.27
CA GLN A 844 -7.86 1.02 41.21
C GLN A 844 -6.36 0.83 40.94
N GLN A 845 -5.59 0.39 41.97
CA GLN A 845 -4.14 0.13 41.93
C GLN A 845 -3.88 -1.40 41.84
N ARG A 846 -4.89 -2.12 41.33
CA ARG A 846 -4.86 -3.58 41.14
C ARG A 846 -4.15 -3.94 39.83
N SER A 847 -4.71 -3.51 38.66
CA SER A 847 -4.13 -3.83 37.36
C SER A 847 -3.33 -2.68 36.77
N VAL A 848 -2.28 -3.05 36.01
CA VAL A 848 -1.36 -2.13 35.35
C VAL A 848 -2.14 -1.22 34.36
N GLN A 849 -3.14 -1.79 33.65
CA GLN A 849 -4.01 -1.09 32.68
C GLN A 849 -4.97 -0.14 33.42
N GLN A 850 -5.54 -0.59 34.56
CA GLN A 850 -6.46 0.20 35.35
C GLN A 850 -5.81 1.46 35.91
N LEU A 851 -4.67 1.32 36.62
CA LEU A 851 -3.90 2.43 37.20
C LEU A 851 -3.44 3.45 36.14
N ALA A 852 -3.00 2.96 34.96
CA ALA A 852 -2.57 3.81 33.87
C ALA A 852 -3.72 4.69 33.40
N ASN A 853 -4.92 4.09 33.22
CA ASN A 853 -6.13 4.78 32.78
C ASN A 853 -6.68 5.74 33.84
N THR A 854 -6.32 5.51 35.13
CA THR A 854 -6.66 6.36 36.29
C THR A 854 -5.86 7.68 36.19
N ILE A 855 -4.53 7.57 36.00
CA ILE A 855 -3.60 8.69 35.83
C ILE A 855 -4.04 9.50 34.61
N VAL A 856 -4.37 8.80 33.50
CA VAL A 856 -4.84 9.36 32.23
C VAL A 856 -6.14 10.16 32.46
N ASN A 857 -7.11 9.54 33.16
CA ASN A 857 -8.40 10.17 33.45
C ASN A 857 -8.27 11.40 34.32
N SER A 858 -7.24 11.44 35.19
CA SER A 858 -6.96 12.59 36.07
C SER A 858 -6.46 13.78 35.26
N LEU A 859 -5.50 13.52 34.36
CA LEU A 859 -4.85 14.50 33.48
C LEU A 859 -5.90 15.17 32.60
N ILE A 860 -6.78 14.37 31.98
CA ILE A 860 -7.85 14.84 31.09
C ILE A 860 -8.93 15.62 31.84
N GLN A 861 -9.48 15.03 32.93
CA GLN A 861 -10.57 15.64 33.69
C GLN A 861 -10.19 16.76 34.65
N TYR A 862 -8.96 16.78 35.24
CA TYR A 862 -8.58 17.80 36.24
C TYR A 862 -7.24 18.52 35.99
N ASP A 863 -6.62 18.33 34.80
CA ASP A 863 -5.34 18.94 34.43
C ASP A 863 -4.26 18.77 35.53
N ASP A 864 -4.25 17.56 36.14
CA ASP A 864 -3.35 17.14 37.21
C ASP A 864 -3.31 15.62 37.26
N PRO A 865 -2.18 14.98 36.86
CA PRO A 865 -2.11 13.50 36.91
C PRO A 865 -2.13 12.89 38.31
N ALA A 866 -1.96 13.70 39.37
CA ALA A 866 -1.96 13.24 40.77
C ALA A 866 -3.30 13.37 41.50
N ALA A 867 -4.26 14.13 40.95
CA ALA A 867 -5.58 14.37 41.53
C ALA A 867 -6.24 13.13 42.16
N TRP A 868 -6.19 11.97 41.46
CA TRP A 868 -6.78 10.72 41.93
C TRP A 868 -6.24 10.18 43.27
N THR A 869 -4.96 10.48 43.60
CA THR A 869 -4.28 10.02 44.82
C THR A 869 -4.87 10.59 46.10
N GLU A 870 -5.42 11.83 46.02
CA GLU A 870 -6.03 12.53 47.14
C GLU A 870 -7.55 12.21 47.29
N GLN A 871 -8.05 11.16 46.61
CA GLN A 871 -9.47 10.77 46.60
C GLN A 871 -10.01 10.15 47.91
N GLU A 872 -9.35 9.14 48.50
CA GLU A 872 -9.84 8.50 49.73
C GLU A 872 -9.97 9.48 50.90
N GLN A 873 -9.02 10.43 51.00
CA GLN A 873 -8.98 11.48 52.01
C GLN A 873 -10.14 12.46 51.81
N LEU A 874 -10.43 12.80 50.54
CA LEU A 874 -11.52 13.70 50.14
C LEU A 874 -12.87 13.01 50.28
N LEU A 875 -12.87 11.66 50.18
CA LEU A 875 -14.07 10.84 50.28
C LEU A 875 -14.57 10.81 51.72
N LYS A 876 -13.63 10.78 52.70
CA LYS A 876 -13.92 10.79 54.13
C LYS A 876 -14.02 12.23 54.68
N GLN A 877 -14.06 13.21 53.77
CA GLN A 877 -14.17 14.63 54.08
C GLN A 877 -15.51 15.19 53.56
N MET A 878 -16.23 14.36 52.77
CA MET A 878 -17.54 14.70 52.19
C MET A 878 -18.62 14.72 53.28
N THR A 879 -19.38 15.81 53.36
CA THR A 879 -20.47 15.97 54.33
C THR A 879 -21.76 16.29 53.59
N VAL A 880 -22.91 16.10 54.26
CA VAL A 880 -24.23 16.41 53.70
C VAL A 880 -24.29 17.87 53.25
N GLU A 881 -23.98 18.81 54.16
CA GLU A 881 -23.98 20.24 53.84
C GLU A 881 -22.96 20.61 52.75
N ASN A 882 -21.78 19.91 52.70
CA ASN A 882 -20.77 20.11 51.66
C ASN A 882 -21.34 19.80 50.29
N VAL A 883 -21.99 18.62 50.13
CA VAL A 883 -22.57 18.26 48.84
C VAL A 883 -23.78 19.16 48.53
N ASN A 884 -24.61 19.50 49.55
CA ASN A 884 -25.79 20.34 49.35
C ASN A 884 -25.44 21.76 48.90
N THR A 885 -24.29 22.28 49.37
CA THR A 885 -23.83 23.62 49.00
C THR A 885 -23.13 23.62 47.62
N ALA A 886 -22.70 22.44 47.14
CA ALA A 886 -22.05 22.23 45.84
C ALA A 886 -23.11 22.09 44.76
N VAL A 887 -24.25 21.49 45.13
CA VAL A 887 -25.41 21.25 44.27
C VAL A 887 -26.16 22.58 44.07
N LYS A 888 -26.31 23.37 45.15
CA LYS A 888 -26.95 24.69 45.12
C LYS A 888 -26.12 25.69 44.30
N GLN A 889 -24.80 25.47 44.23
CA GLN A 889 -23.85 26.33 43.50
C GLN A 889 -23.66 25.96 42.03
N TYR A 890 -23.72 24.65 41.69
CA TYR A 890 -23.47 24.19 40.32
C TYR A 890 -24.69 23.60 39.57
N LEU A 891 -25.87 23.44 40.24
CA LEU A 891 -27.04 22.83 39.59
C LEU A 891 -28.36 23.57 39.84
N SER A 892 -28.31 24.78 40.42
CA SER A 892 -29.51 25.55 40.74
C SER A 892 -30.28 26.10 39.52
N HIS A 893 -29.61 26.85 38.62
CA HIS A 893 -30.31 27.45 37.48
C HIS A 893 -29.61 27.27 36.14
N PRO A 894 -30.28 26.57 35.19
CA PRO A 894 -29.69 26.37 33.86
C PRO A 894 -29.65 27.62 32.99
N VAL A 895 -28.56 27.73 32.22
CA VAL A 895 -28.34 28.79 31.24
C VAL A 895 -29.16 28.42 29.97
N ASN A 896 -29.39 27.10 29.74
CA ASN A 896 -30.19 26.58 28.62
C ASN A 896 -30.83 25.22 28.88
N THR A 897 -32.02 24.99 28.31
CA THR A 897 -32.70 23.70 28.34
C THR A 897 -33.10 23.28 26.92
N TYR A 898 -32.65 22.10 26.49
CA TYR A 898 -32.99 21.57 25.16
C TYR A 898 -33.83 20.30 25.33
N THR A 899 -35.03 20.29 24.73
CA THR A 899 -35.98 19.19 24.84
C THR A 899 -36.28 18.60 23.48
N GLY A 900 -36.29 17.27 23.45
CA GLY A 900 -36.55 16.51 22.24
C GLY A 900 -37.48 15.36 22.51
N VAL A 901 -38.53 15.27 21.69
CA VAL A 901 -39.53 14.22 21.79
C VAL A 901 -39.64 13.51 20.45
N LEU A 902 -39.39 12.19 20.45
CA LEU A 902 -39.53 11.38 19.25
C LEU A 902 -40.82 10.60 19.41
N LEU A 903 -41.80 10.88 18.54
CA LEU A 903 -43.14 10.31 18.60
C LEU A 903 -43.46 9.43 17.42
N PRO A 904 -44.47 8.54 17.55
CA PRO A 904 -44.88 7.74 16.38
C PRO A 904 -45.49 8.64 15.29
N LYS A 905 -45.51 8.11 14.04
CA LYS A 905 -45.97 8.66 12.75
C LYS A 905 -44.81 9.27 11.95
ZN ZN B . 21.45 -9.07 -38.94
CL CL C . 16.26 -21.22 -44.28
CL CL D . 3.02 -4.41 -19.48
#